data_6KHP
#
_entry.id   6KHP
#
_cell.length_a   155.769
_cell.length_b   155.769
_cell.length_c   102.094
_cell.angle_alpha   90.000
_cell.angle_beta   90.000
_cell.angle_gamma   120.000
#
_symmetry.space_group_name_H-M   'P 31 2 1'
#
loop_
_entity.id
_entity.type
_entity.pdbx_description
1 polymer 'Tryptophan decarboxylase 1'
2 non-polymer "PYRIDOXAL-5'-PHOSPHATE"
3 non-polymer 2-(1H-INDOL-3-YL)ETHANAMINE
4 non-polymer 'CALCIUM ION'
5 non-polymer 'ACETATE ION'
6 non-polymer DI(HYDROXYETHYL)ETHER
7 water water
#
_entity_poly.entity_id   1
_entity_poly.type   'polypeptide(L)'
_entity_poly.pdbx_seq_one_letter_code
;MGSLDTNPTAFSAFPAGEGETFQPLNADDVRSYLHKAVDFISDYYKSVESMPVLPNVKPGYLQDELRASPPTYSAPFDVT
MKELRSSVVPGMTHWASPNFFAFFPSTNSAAAIAGDLIASAMNTVGFTWQASPAATEMEVLALDWLAQMLNLPTSFMNRT
GEGRGTGGGVILGTTSEAMLVTLVAARDAALRRSGSDGVAGLHRLAVYAADQTHSTFFKACRLAGFDPANIRSIPTGAET
DYGLDPARLLEAMQADADAGLVPTYVCATVGTTSSNAVDPVGAVADVAARFAAWVHVDAAYAGSACICPEFRHHLDGVER
VDSISMSPHKWLMTCLDCTCLYVRDTHRLTGSLETNPEYLKNHASDSGEVTDLKDMQVGVGRRFRGLKLWMVMRTYGVAK
LQEHIRSDVAMAKVFEDLVRGDDRFEVVVPRNFALVCFRIRAGAGAAAATEEDADEANRELMERLNKTGKAYVAHTVVGG
RFVLRFAVGSSLQEEHHVRSAWELIKKTTTEMMN
;
_entity_poly.pdbx_strand_id   A,B
#
loop_
_chem_comp.id
_chem_comp.type
_chem_comp.name
_chem_comp.formula
ACT non-polymer 'ACETATE ION' 'C2 H3 O2 -1'
CA non-polymer 'CALCIUM ION' 'Ca 2'
PEG non-polymer DI(HYDROXYETHYL)ETHER 'C4 H10 O3'
PLP non-polymer PYRIDOXAL-5'-PHOSPHATE 'C8 H10 N O6 P'
TSS non-polymer 2-(1H-INDOL-3-YL)ETHANAMINE 'C10 H12 N2'
#
# COMPACT_ATOMS: atom_id res chain seq x y z
N THR A 21 31.25 -9.47 -3.60
CA THR A 21 31.27 -10.77 -2.95
C THR A 21 30.04 -10.99 -2.04
N PHE A 22 29.46 -9.92 -1.49
CA PHE A 22 28.21 -10.07 -0.73
C PHE A 22 27.04 -10.24 -1.69
N GLN A 23 26.30 -11.34 -1.53
CA GLN A 23 25.27 -11.75 -2.47
C GLN A 23 23.97 -11.95 -1.69
N PRO A 24 23.11 -10.93 -1.64
CA PRO A 24 21.91 -11.03 -0.80
C PRO A 24 20.92 -12.09 -1.26
N LEU A 25 20.96 -12.48 -2.53
CA LEU A 25 20.07 -13.51 -3.05
C LEU A 25 20.81 -14.79 -3.45
N ASN A 26 21.99 -15.05 -2.88
CA ASN A 26 22.68 -16.29 -3.17
C ASN A 26 21.77 -17.48 -2.85
N ALA A 27 21.96 -18.56 -3.61
CA ALA A 27 21.04 -19.70 -3.56
C ALA A 27 21.01 -20.35 -2.19
N ASP A 28 22.18 -20.49 -1.55
CA ASP A 28 22.22 -21.13 -0.23
C ASP A 28 21.33 -20.40 0.77
N ASP A 29 21.52 -19.08 0.88
CA ASP A 29 20.74 -18.31 1.85
C ASP A 29 19.26 -18.28 1.51
N VAL A 30 18.93 -18.05 0.23
CA VAL A 30 17.51 -18.00 -0.15
C VAL A 30 16.81 -19.27 0.29
N ARG A 31 17.43 -20.41 0.06
CA ARG A 31 16.81 -21.68 0.45
C ARG A 31 16.76 -21.86 1.97
N SER A 32 17.87 -21.59 2.68
CA SER A 32 17.83 -21.91 4.11
C SER A 32 17.05 -20.87 4.91
N TYR A 33 17.15 -19.58 4.57
CA TYR A 33 16.33 -18.60 5.28
C TYR A 33 14.85 -18.93 5.13
N LEU A 34 14.41 -19.23 3.90
CA LEU A 34 12.99 -19.49 3.68
C LEU A 34 12.55 -20.78 4.33
N HIS A 35 13.43 -21.78 4.39
CA HIS A 35 13.08 -23.01 5.08
C HIS A 35 12.96 -22.77 6.58
N LYS A 36 13.85 -21.95 7.14
CA LYS A 36 13.71 -21.57 8.54
C LYS A 36 12.44 -20.78 8.77
N ALA A 37 12.07 -19.92 7.82
CA ALA A 37 10.81 -19.19 7.94
C ALA A 37 9.62 -20.12 7.91
N VAL A 38 9.63 -21.12 7.03
CA VAL A 38 8.51 -22.06 6.93
C VAL A 38 8.40 -22.89 8.19
N ASP A 39 9.54 -23.32 8.75
CA ASP A 39 9.53 -24.05 10.03
C ASP A 39 8.90 -23.20 11.14
N PHE A 40 9.27 -21.91 11.22
CA PHE A 40 8.63 -21.04 12.19
C PHE A 40 7.13 -20.98 11.98
N ILE A 41 6.71 -20.82 10.72
CA ILE A 41 5.28 -20.69 10.43
C ILE A 41 4.55 -21.96 10.84
N SER A 42 5.13 -23.12 10.53
CA SER A 42 4.55 -24.40 10.94
C SER A 42 4.37 -24.48 12.45
N ASP A 43 5.45 -24.23 13.20
CA ASP A 43 5.37 -24.19 14.65
C ASP A 43 4.37 -23.16 15.12
N TYR A 44 4.38 -21.99 14.50
CA TYR A 44 3.52 -20.90 14.98
C TYR A 44 2.06 -21.34 14.93
N TYR A 45 1.62 -21.89 13.80
CA TYR A 45 0.24 -22.32 13.68
C TYR A 45 -0.09 -23.42 14.68
N LYS A 46 0.87 -24.30 14.96
CA LYS A 46 0.62 -25.41 15.88
C LYS A 46 0.56 -24.95 17.33
N SER A 47 1.21 -23.85 17.67
CA SER A 47 1.28 -23.44 19.06
C SER A 47 0.53 -22.15 19.38
N VAL A 48 -0.03 -21.46 18.37
CA VAL A 48 -0.58 -20.14 18.64
C VAL A 48 -1.78 -20.22 19.56
N GLU A 49 -2.56 -21.30 19.50
CA GLU A 49 -3.72 -21.42 20.36
C GLU A 49 -3.33 -21.43 21.84
N SER A 50 -2.14 -21.93 22.15
CA SER A 50 -1.70 -22.07 23.52
C SER A 50 -1.06 -20.80 24.08
N MET A 51 -0.83 -19.80 23.23
CA MET A 51 -0.38 -18.51 23.71
C MET A 51 -1.58 -17.66 24.11
N PRO A 52 -1.39 -16.68 24.98
CA PRO A 52 -2.45 -15.72 25.24
C PRO A 52 -2.69 -14.84 24.01
N VAL A 53 -3.95 -14.69 23.62
CA VAL A 53 -4.25 -13.92 22.40
C VAL A 53 -3.71 -12.51 22.51
N LEU A 54 -3.94 -11.86 23.65
CA LEU A 54 -3.36 -10.55 23.91
C LEU A 54 -2.05 -10.69 24.68
N PRO A 55 -1.04 -9.87 24.36
CA PRO A 55 0.23 -9.95 25.08
C PRO A 55 0.16 -9.21 26.41
N ASN A 56 1.21 -9.39 27.18
CA ASN A 56 1.37 -8.75 28.47
C ASN A 56 2.74 -8.06 28.45
N VAL A 57 2.83 -6.97 27.70
CA VAL A 57 4.06 -6.22 27.57
C VAL A 57 3.77 -4.74 27.77
N LYS A 58 4.78 -4.04 28.16
CA LYS A 58 4.60 -2.61 28.37
C LYS A 58 5.09 -1.85 27.13
N PRO A 59 4.49 -0.69 26.86
CA PRO A 59 4.97 0.15 25.76
C PRO A 59 6.46 0.46 25.93
N GLY A 60 7.22 0.18 24.88
CA GLY A 60 8.65 0.42 24.89
C GLY A 60 9.50 -0.81 25.15
N TYR A 61 8.90 -1.98 25.34
CA TYR A 61 9.70 -3.15 25.69
C TYR A 61 10.66 -3.53 24.58
N LEU A 62 10.33 -3.25 23.31
CA LEU A 62 11.05 -3.88 22.21
C LEU A 62 12.45 -3.30 22.05
N GLN A 63 12.57 -1.97 22.00
CA GLN A 63 13.91 -1.39 21.95
C GLN A 63 14.74 -1.76 23.18
N ASP A 64 14.09 -2.02 24.32
CA ASP A 64 14.86 -2.50 25.47
C ASP A 64 15.58 -3.80 25.13
N GLU A 65 14.86 -4.76 24.52
CA GLU A 65 15.35 -6.11 24.30
C GLU A 65 16.26 -6.19 23.08
N LEU A 66 15.74 -5.86 21.89
CA LEU A 66 16.62 -5.54 20.77
C LEU A 66 17.33 -4.25 21.13
N ARG A 67 18.31 -3.83 20.37
CA ARG A 67 18.98 -2.67 20.97
C ARG A 67 18.48 -1.35 20.39
N ALA A 68 19.05 -0.25 20.88
CA ALA A 68 18.66 1.07 20.39
C ALA A 68 19.23 1.35 19.01
N SER A 69 20.24 0.60 18.58
CA SER A 69 20.99 0.89 17.37
C SER A 69 21.15 -0.38 16.55
N PRO A 70 21.24 -0.24 15.21
CA PRO A 70 21.46 -1.42 14.37
C PRO A 70 22.85 -1.97 14.58
N PRO A 71 23.05 -3.28 14.43
CA PRO A 71 24.41 -3.86 14.56
C PRO A 71 25.29 -3.44 13.40
N THR A 72 26.58 -3.29 13.70
CA THR A 72 27.54 -2.96 12.65
C THR A 72 27.80 -4.16 11.75
N TYR A 73 27.86 -5.35 12.34
CA TYR A 73 28.24 -6.59 11.67
C TYR A 73 27.03 -7.48 11.46
N SER A 74 27.23 -8.52 10.66
CA SER A 74 26.15 -9.43 10.30
C SER A 74 25.98 -10.50 11.36
N ALA A 75 24.85 -11.20 11.29
CA ALA A 75 24.57 -12.29 12.20
C ALA A 75 23.90 -13.41 11.42
N PRO A 76 24.12 -14.66 11.81
CA PRO A 76 23.42 -15.77 11.15
C PRO A 76 21.92 -15.57 11.24
N PHE A 77 21.22 -15.99 10.18
CA PHE A 77 19.76 -15.79 10.17
C PHE A 77 19.08 -16.52 11.32
N ASP A 78 19.68 -17.61 11.81
CA ASP A 78 19.19 -18.28 13.00
C ASP A 78 19.08 -17.35 14.19
N VAL A 79 19.97 -16.36 14.27
CA VAL A 79 19.90 -15.38 15.34
C VAL A 79 18.69 -14.48 15.14
N THR A 80 18.50 -13.98 13.91
CA THR A 80 17.30 -13.19 13.60
C THR A 80 16.03 -13.94 13.96
N MET A 81 15.95 -15.22 13.58
CA MET A 81 14.77 -16.04 13.89
C MET A 81 14.63 -16.24 15.39
N LYS A 82 15.75 -16.29 16.13
CA LYS A 82 15.68 -16.44 17.57
C LYS A 82 15.13 -15.17 18.23
N GLU A 83 15.54 -14.00 17.74
CA GLU A 83 14.98 -12.76 18.26
C GLU A 83 13.52 -12.59 17.85
N LEU A 84 13.14 -13.09 16.67
CA LEU A 84 11.74 -13.16 16.32
C LEU A 84 10.94 -13.95 17.36
N ARG A 85 11.40 -15.16 17.69
CA ARG A 85 10.66 -16.01 18.63
C ARG A 85 10.67 -15.46 20.04
N SER A 86 11.81 -14.89 20.48
CA SER A 86 11.99 -14.49 21.88
C SER A 86 11.44 -13.12 22.20
N SER A 87 11.57 -12.16 21.28
CA SER A 87 11.20 -10.79 21.55
C SER A 87 10.00 -10.29 20.76
N VAL A 88 9.75 -10.81 19.56
CA VAL A 88 8.66 -10.28 18.75
C VAL A 88 7.37 -11.01 19.07
N VAL A 89 7.37 -12.34 18.91
CA VAL A 89 6.20 -13.17 19.14
C VAL A 89 5.56 -12.92 20.51
N PRO A 90 6.32 -12.80 21.61
CA PRO A 90 5.66 -12.55 22.91
C PRO A 90 4.96 -11.21 23.03
N GLY A 91 5.26 -10.25 22.15
CA GLY A 91 4.61 -8.96 22.16
C GLY A 91 3.48 -8.84 21.19
N MET A 92 3.12 -9.92 20.50
CA MET A 92 2.12 -9.87 19.45
C MET A 92 0.72 -10.07 20.01
N THR A 93 -0.24 -9.41 19.37
CA THR A 93 -1.63 -9.82 19.42
C THR A 93 -1.87 -10.82 18.29
N HIS A 94 -2.31 -12.02 18.65
CA HIS A 94 -2.34 -13.12 17.69
C HIS A 94 -3.65 -13.12 16.91
N TRP A 95 -3.66 -12.36 15.81
CA TRP A 95 -4.79 -12.38 14.90
C TRP A 95 -5.10 -13.79 14.40
N ALA A 96 -4.06 -14.62 14.23
CA ALA A 96 -4.24 -15.97 13.71
C ALA A 96 -4.79 -16.94 14.74
N SER A 97 -4.85 -16.55 16.00
CA SER A 97 -5.31 -17.47 17.03
C SER A 97 -6.77 -17.88 16.76
N PRO A 98 -7.15 -19.12 17.05
CA PRO A 98 -8.56 -19.49 16.96
C PRO A 98 -9.42 -18.77 17.99
N ASN A 99 -8.82 -18.15 18.99
CA ASN A 99 -9.53 -17.44 20.04
C ASN A 99 -9.52 -15.93 19.84
N PHE A 100 -9.09 -15.47 18.67
CA PHE A 100 -9.19 -14.07 18.30
C PHE A 100 -10.62 -13.80 17.83
N PHE A 101 -11.38 -12.97 18.57
CA PHE A 101 -12.79 -12.74 18.24
C PHE A 101 -13.10 -11.28 17.93
N ALA A 102 -12.09 -10.44 17.69
CA ALA A 102 -12.30 -9.00 17.59
C ALA A 102 -12.30 -8.51 16.15
N PHE A 103 -12.80 -7.29 15.97
CA PHE A 103 -12.73 -6.54 14.70
C PHE A 103 -13.36 -7.39 13.60
N PHE A 104 -12.67 -7.64 12.50
CA PHE A 104 -13.01 -8.77 11.65
C PHE A 104 -11.77 -9.62 11.48
N PRO A 105 -11.90 -10.94 11.46
CA PRO A 105 -10.72 -11.78 11.33
C PRO A 105 -9.99 -11.52 10.02
N SER A 106 -8.67 -11.67 10.05
CA SER A 106 -7.86 -11.60 8.84
C SER A 106 -7.70 -13.02 8.32
N THR A 107 -8.72 -13.49 7.59
CA THR A 107 -8.70 -14.86 7.09
C THR A 107 -7.60 -15.04 6.04
N ASN A 108 -7.05 -16.26 6.00
CA ASN A 108 -5.79 -16.52 5.30
C ASN A 108 -5.79 -17.95 4.79
N SER A 109 -4.82 -18.27 3.93
CA SER A 109 -4.77 -19.61 3.36
C SER A 109 -3.34 -19.91 2.93
N ALA A 110 -3.04 -21.21 2.83
CA ALA A 110 -1.71 -21.60 2.36
C ALA A 110 -1.46 -21.07 0.96
N ALA A 111 -2.50 -21.07 0.10
CA ALA A 111 -2.32 -20.61 -1.28
C ALA A 111 -1.98 -19.12 -1.32
N ALA A 112 -2.70 -18.30 -0.55
CA ALA A 112 -2.42 -16.85 -0.54
C ALA A 112 -1.02 -16.54 -0.02
N ILE A 113 -0.62 -17.20 1.07
CA ILE A 113 0.73 -17.01 1.58
C ILE A 113 1.77 -17.43 0.54
N ALA A 114 1.51 -18.54 -0.16
CA ALA A 114 2.46 -18.99 -1.19
C ALA A 114 2.54 -17.99 -2.33
N GLY A 115 1.37 -17.48 -2.76
CA GLY A 115 1.36 -16.46 -3.80
C GLY A 115 2.13 -15.22 -3.42
N ASP A 116 1.89 -14.69 -2.21
CA ASP A 116 2.62 -13.48 -1.81
C ASP A 116 4.11 -13.75 -1.66
N LEU A 117 4.49 -14.94 -1.20
CA LEU A 117 5.90 -15.30 -1.12
C LEU A 117 6.55 -15.23 -2.51
N ILE A 118 5.92 -15.83 -3.51
CA ILE A 118 6.50 -15.81 -4.85
C ILE A 118 6.54 -14.39 -5.40
N ALA A 119 5.49 -13.59 -5.14
CA ALA A 119 5.50 -12.21 -5.60
C ALA A 119 6.61 -11.42 -4.93
N SER A 120 6.84 -11.65 -3.64
CA SER A 120 7.96 -11.01 -2.94
C SER A 120 9.30 -11.40 -3.55
N ALA A 121 9.42 -12.63 -4.05
CA ALA A 121 10.70 -13.04 -4.58
C ALA A 121 10.91 -12.48 -5.99
N MET A 122 9.90 -12.57 -6.85
CA MET A 122 10.06 -11.98 -8.18
C MET A 122 10.15 -10.47 -8.09
N ASN A 123 9.39 -9.87 -7.16
CA ASN A 123 9.55 -8.47 -6.76
C ASN A 123 9.50 -7.52 -7.95
N THR A 124 8.60 -7.80 -8.89
CA THR A 124 8.35 -6.91 -10.03
C THR A 124 7.51 -5.72 -9.58
N VAL A 125 7.67 -4.60 -10.28
CA VAL A 125 6.98 -3.33 -9.97
C VAL A 125 6.11 -3.00 -11.18
N GLY A 126 4.80 -3.20 -11.06
CA GLY A 126 3.97 -3.17 -12.24
C GLY A 126 3.23 -1.88 -12.51
N PHE A 127 3.93 -0.74 -12.53
CA PHE A 127 3.24 0.53 -12.72
C PHE A 127 2.57 0.62 -14.10
N THR A 128 3.21 0.06 -15.13
CA THR A 128 2.61 -0.06 -16.46
C THR A 128 2.48 -1.54 -16.83
N TRP A 129 1.65 -1.81 -17.84
CA TRP A 129 1.58 -3.15 -18.40
C TRP A 129 2.96 -3.61 -18.87
N GLN A 130 3.69 -2.74 -19.57
CA GLN A 130 5.02 -3.09 -20.06
C GLN A 130 5.99 -3.43 -18.93
N ALA A 131 5.87 -2.75 -17.78
CA ALA A 131 6.76 -3.02 -16.65
C ALA A 131 6.70 -4.46 -16.17
N SER A 132 5.59 -5.18 -16.47
CA SER A 132 5.49 -6.65 -16.36
C SER A 132 4.13 -7.13 -16.83
N PRO A 133 4.01 -7.56 -18.10
CA PRO A 133 2.66 -7.85 -18.65
C PRO A 133 1.81 -8.81 -17.81
N ALA A 134 2.40 -9.91 -17.34
CA ALA A 134 1.63 -10.90 -16.59
C ALA A 134 1.14 -10.35 -15.27
N ALA A 135 1.90 -9.46 -14.63
CA ALA A 135 1.47 -8.88 -13.36
C ALA A 135 0.16 -8.11 -13.53
N THR A 136 0.03 -7.35 -14.61
CA THR A 136 -1.19 -6.59 -14.83
C THR A 136 -2.29 -7.47 -15.39
N GLU A 137 -1.97 -8.39 -16.30
CA GLU A 137 -3.00 -9.21 -16.89
C GLU A 137 -3.58 -10.21 -15.90
N MET A 138 -2.77 -10.70 -14.96
CA MET A 138 -3.32 -11.60 -13.94
C MET A 138 -4.18 -10.84 -12.95
N GLU A 139 -3.80 -9.60 -12.63
CA GLU A 139 -4.64 -8.78 -11.76
C GLU A 139 -6.01 -8.57 -12.41
N VAL A 140 -6.02 -8.20 -13.69
CA VAL A 140 -7.29 -8.04 -14.40
C VAL A 140 -8.08 -9.35 -14.38
N LEU A 141 -7.42 -10.46 -14.68
CA LEU A 141 -8.10 -11.75 -14.66
C LEU A 141 -8.66 -12.05 -13.27
N ALA A 142 -7.84 -11.84 -12.23
CA ALA A 142 -8.31 -12.13 -10.87
C ALA A 142 -9.52 -11.28 -10.51
N LEU A 143 -9.48 -9.99 -10.85
CA LEU A 143 -10.63 -9.12 -10.58
C LEU A 143 -11.85 -9.61 -11.33
N ASP A 144 -11.66 -9.97 -12.60
CA ASP A 144 -12.78 -10.47 -13.39
C ASP A 144 -13.37 -11.74 -12.77
N TRP A 145 -12.51 -12.67 -12.32
CA TRP A 145 -13.01 -13.90 -11.69
C TRP A 145 -13.82 -13.59 -10.44
N LEU A 146 -13.34 -12.67 -9.60
CA LEU A 146 -14.07 -12.32 -8.39
C LEU A 146 -15.39 -11.63 -8.72
N ALA A 147 -15.37 -10.74 -9.72
CA ALA A 147 -16.60 -10.11 -10.20
C ALA A 147 -17.62 -11.15 -10.63
N GLN A 148 -17.16 -12.26 -11.24
CA GLN A 148 -18.07 -13.34 -11.61
C GLN A 148 -18.64 -14.02 -10.36
N MET A 149 -17.77 -14.42 -9.43
CA MET A 149 -18.23 -14.98 -8.16
C MET A 149 -19.23 -14.06 -7.47
N LEU A 150 -18.99 -12.75 -7.50
CA LEU A 150 -19.89 -11.79 -6.87
C LEU A 150 -21.16 -11.56 -7.69
N ASN A 151 -21.23 -12.09 -8.90
CA ASN A 151 -22.30 -11.79 -9.82
C ASN A 151 -22.47 -10.28 -10.02
N LEU A 152 -21.37 -9.55 -10.00
CA LEU A 152 -21.45 -8.14 -10.35
C LEU A 152 -22.01 -8.00 -11.76
N PRO A 153 -22.76 -6.94 -12.03
CA PRO A 153 -23.12 -6.60 -13.41
C PRO A 153 -21.87 -6.50 -14.29
N THR A 154 -22.01 -6.97 -15.54
CA THR A 154 -20.91 -6.90 -16.52
C THR A 154 -20.43 -5.48 -16.72
N SER A 155 -21.24 -4.48 -16.39
CA SER A 155 -20.77 -3.10 -16.48
C SER A 155 -19.59 -2.81 -15.56
N PHE A 156 -19.28 -3.68 -14.60
CA PHE A 156 -18.10 -3.51 -13.76
C PHE A 156 -16.87 -4.27 -14.26
N MET A 157 -16.97 -5.01 -15.37
CA MET A 157 -15.88 -5.86 -15.85
C MET A 157 -15.39 -5.38 -17.21
N ASN A 158 -14.22 -5.86 -17.62
CA ASN A 158 -13.67 -5.67 -18.97
C ASN A 158 -12.42 -6.50 -19.15
N GLY A 163 -15.11 -5.79 -26.94
CA GLY A 163 -16.40 -5.18 -26.63
C GLY A 163 -16.35 -3.67 -26.47
N ARG A 164 -17.35 -3.12 -25.78
CA ARG A 164 -17.51 -1.67 -25.63
C ARG A 164 -17.52 -1.22 -24.18
N GLY A 165 -17.25 -2.11 -23.23
CA GLY A 165 -17.38 -1.74 -21.83
C GLY A 165 -16.42 -0.64 -21.40
N THR A 166 -16.85 0.13 -20.41
CA THR A 166 -16.01 1.10 -19.74
C THR A 166 -15.67 0.68 -18.32
N GLY A 167 -16.24 -0.43 -17.84
CA GLY A 167 -15.99 -0.88 -16.49
C GLY A 167 -14.60 -1.44 -16.31
N GLY A 168 -14.24 -1.65 -15.04
CA GLY A 168 -12.91 -2.12 -14.74
C GLY A 168 -12.64 -2.00 -13.25
N GLY A 169 -11.45 -2.48 -12.88
CA GLY A 169 -11.12 -2.67 -11.48
C GLY A 169 -9.64 -2.51 -11.23
N VAL A 170 -9.30 -2.46 -9.95
CA VAL A 170 -7.91 -2.40 -9.50
C VAL A 170 -7.85 -3.03 -8.12
N ILE A 171 -6.76 -3.75 -7.85
CA ILE A 171 -6.42 -4.17 -6.49
C ILE A 171 -5.63 -3.04 -5.85
N LEU A 172 -6.06 -2.61 -4.67
CA LEU A 172 -5.40 -1.59 -3.88
C LEU A 172 -5.09 -2.19 -2.52
N GLY A 173 -4.31 -1.45 -1.72
CA GLY A 173 -3.97 -1.94 -0.40
C GLY A 173 -5.10 -1.84 0.60
N THR A 174 -5.96 -0.81 0.50
CA THR A 174 -6.92 -0.52 1.55
C THR A 174 -8.23 -0.03 0.95
N THR A 175 -9.31 -0.19 1.74
CA THR A 175 -10.55 0.49 1.44
C THR A 175 -10.38 2.01 1.47
N SER A 176 -9.52 2.52 2.35
CA SER A 176 -9.29 3.96 2.40
C SER A 176 -8.83 4.51 1.06
N GLU A 177 -7.90 3.81 0.38
CA GLU A 177 -7.45 4.31 -0.91
C GLU A 177 -8.55 4.19 -1.95
N ALA A 178 -9.35 3.13 -1.89
CA ALA A 178 -10.49 3.01 -2.78
C ALA A 178 -11.47 4.15 -2.55
N MET A 179 -11.71 4.49 -1.29
CA MET A 179 -12.55 5.64 -0.99
C MET A 179 -11.92 6.91 -1.50
N LEU A 180 -10.61 7.07 -1.30
CA LEU A 180 -9.94 8.31 -1.67
C LEU A 180 -10.05 8.58 -3.17
N VAL A 181 -9.71 7.59 -4.00
CA VAL A 181 -9.64 7.85 -5.43
C VAL A 181 -11.04 8.06 -6.03
N THR A 182 -12.07 7.39 -5.51
CA THR A 182 -13.42 7.67 -6.01
C THR A 182 -13.94 9.02 -5.49
N LEU A 183 -13.57 9.40 -4.27
CA LEU A 183 -13.85 10.75 -3.79
C LEU A 183 -13.21 11.79 -4.69
N VAL A 184 -11.95 11.58 -5.09
CA VAL A 184 -11.26 12.56 -5.92
C VAL A 184 -11.91 12.65 -7.30
N ALA A 185 -12.31 11.51 -7.87
CA ALA A 185 -12.97 11.54 -9.17
C ALA A 185 -14.32 12.25 -9.07
N ALA A 186 -15.07 11.96 -8.01
CA ALA A 186 -16.36 12.63 -7.81
C ALA A 186 -16.15 14.12 -7.60
N ARG A 187 -15.14 14.49 -6.81
CA ARG A 187 -14.85 15.89 -6.54
C ARG A 187 -14.50 16.64 -7.83
N ASP A 188 -13.63 16.07 -8.65
CA ASP A 188 -13.20 16.74 -9.87
C ASP A 188 -14.37 16.92 -10.83
N ALA A 189 -15.28 15.96 -10.89
CA ALA A 189 -16.43 16.10 -11.78
C ALA A 189 -17.42 17.13 -11.23
N ALA A 190 -17.58 17.19 -9.92
CA ALA A 190 -18.48 18.19 -9.35
C ALA A 190 -17.94 19.60 -9.58
N LEU A 191 -16.66 19.80 -9.32
CA LEU A 191 -16.08 21.12 -9.54
C LEU A 191 -16.18 21.53 -11.00
N ARG A 192 -15.92 20.58 -11.90
CA ARG A 192 -15.99 20.89 -13.32
C ARG A 192 -17.40 21.29 -13.75
N ARG A 193 -18.41 20.49 -13.40
CA ARG A 193 -19.73 20.76 -13.92
C ARG A 193 -20.43 21.91 -13.20
N SER A 194 -20.04 22.21 -11.96
CA SER A 194 -20.66 23.30 -11.21
C SER A 194 -19.95 24.62 -11.42
N GLY A 195 -18.97 24.68 -12.31
CA GLY A 195 -18.35 25.95 -12.65
C GLY A 195 -17.47 26.51 -11.57
N SER A 196 -16.78 25.66 -10.82
CA SER A 196 -15.80 26.15 -9.85
C SER A 196 -14.71 26.94 -10.57
N ASP A 197 -14.28 28.03 -9.94
CA ASP A 197 -13.11 28.79 -10.40
C ASP A 197 -11.88 28.11 -9.79
N GLY A 198 -11.30 27.16 -10.53
CA GLY A 198 -10.28 26.30 -9.95
C GLY A 198 -10.88 25.54 -8.77
N VAL A 199 -10.20 25.58 -7.61
CA VAL A 199 -10.73 24.95 -6.40
C VAL A 199 -11.39 25.96 -5.47
N ALA A 200 -11.64 27.18 -5.93
CA ALA A 200 -12.36 28.14 -5.09
C ALA A 200 -13.71 27.60 -4.68
N GLY A 201 -14.30 26.72 -5.48
CA GLY A 201 -15.61 26.16 -5.19
C GLY A 201 -15.61 24.90 -4.36
N LEU A 202 -14.44 24.44 -3.91
CA LEU A 202 -14.40 23.19 -3.14
C LEU A 202 -15.21 23.29 -1.86
N HIS A 203 -15.25 24.47 -1.24
CA HIS A 203 -16.04 24.63 -0.02
C HIS A 203 -17.54 24.52 -0.27
N ARG A 204 -17.97 24.49 -1.54
CA ARG A 204 -19.39 24.32 -1.84
C ARG A 204 -19.81 22.85 -1.95
N LEU A 205 -18.87 21.91 -1.99
CA LEU A 205 -19.23 20.51 -2.23
C LEU A 205 -19.62 19.82 -0.93
N ALA A 206 -20.58 18.90 -1.02
CA ALA A 206 -21.03 18.17 0.16
C ALA A 206 -20.99 16.67 -0.11
N VAL A 207 -20.75 15.90 0.95
CA VAL A 207 -20.69 14.44 0.88
C VAL A 207 -21.48 13.86 2.05
N TYR A 208 -21.94 12.61 1.87
CA TYR A 208 -22.89 11.99 2.79
C TYR A 208 -22.49 10.54 3.05
N ALA A 209 -22.63 10.12 4.31
CA ALA A 209 -22.57 8.72 4.67
C ALA A 209 -23.37 8.54 5.96
N ALA A 210 -23.93 7.36 6.16
CA ALA A 210 -24.54 7.04 7.44
C ALA A 210 -23.51 7.18 8.57
N ASP A 211 -24.00 7.40 9.78
CA ASP A 211 -23.08 7.52 10.90
C ASP A 211 -22.43 6.18 11.26
N GLN A 212 -22.92 5.06 10.73
CA GLN A 212 -22.29 3.76 10.92
C GLN A 212 -21.18 3.50 9.92
N THR A 213 -20.92 4.43 9.00
CA THR A 213 -19.89 4.24 7.99
C THR A 213 -18.53 4.39 8.66
N HIS A 214 -17.59 3.54 8.25
CA HIS A 214 -16.27 3.46 8.89
C HIS A 214 -15.60 4.83 8.93
N SER A 215 -14.93 5.11 10.04
CA SER A 215 -14.30 6.42 10.24
C SER A 215 -13.31 6.77 9.15
N THR A 216 -12.74 5.77 8.47
CA THR A 216 -11.79 6.09 7.42
C THR A 216 -12.43 6.77 6.21
N PHE A 217 -13.75 6.62 6.01
CA PHE A 217 -14.39 7.38 4.94
C PHE A 217 -14.33 8.88 5.22
N PHE A 218 -14.63 9.28 6.46
CA PHE A 218 -14.60 10.70 6.78
C PHE A 218 -13.19 11.25 6.72
N LYS A 219 -12.20 10.41 7.04
CA LYS A 219 -10.80 10.80 6.89
C LYS A 219 -10.43 10.98 5.41
N ALA A 220 -10.89 10.08 4.53
CA ALA A 220 -10.58 10.23 3.12
C ALA A 220 -11.23 11.48 2.54
N CYS A 221 -12.42 11.84 3.02
CA CYS A 221 -13.02 13.12 2.63
C CYS A 221 -12.10 14.28 2.96
N ARG A 222 -11.56 14.30 4.18
CA ARG A 222 -10.68 15.41 4.57
C ARG A 222 -9.41 15.42 3.73
N LEU A 223 -8.87 14.24 3.42
CA LEU A 223 -7.67 14.16 2.59
C LEU A 223 -7.89 14.80 1.23
N ALA A 224 -9.08 14.59 0.65
CA ALA A 224 -9.41 15.08 -0.68
C ALA A 224 -9.79 16.55 -0.69
N GLY A 225 -9.76 17.22 0.46
CA GLY A 225 -10.03 18.64 0.52
C GLY A 225 -11.47 19.01 0.76
N PHE A 226 -12.34 18.05 1.02
CA PHE A 226 -13.71 18.41 1.37
C PHE A 226 -13.72 19.17 2.68
N ASP A 227 -14.67 20.12 2.80
CA ASP A 227 -14.78 20.96 3.98
C ASP A 227 -15.43 20.18 5.12
N PRO A 228 -14.84 20.20 6.32
CA PRO A 228 -15.45 19.49 7.47
C PRO A 228 -16.89 19.86 7.74
N ALA A 229 -17.27 21.12 7.50
CA ALA A 229 -18.66 21.53 7.69
C ALA A 229 -19.60 20.85 6.70
N ASN A 230 -19.08 20.37 5.57
CA ASN A 230 -19.94 19.82 4.53
C ASN A 230 -19.92 18.30 4.48
N ILE A 231 -19.28 17.64 5.44
CA ILE A 231 -19.22 16.18 5.46
C ILE A 231 -20.36 15.71 6.37
N ARG A 232 -21.38 15.10 5.78
CA ARG A 232 -22.60 14.78 6.50
C ARG A 232 -22.53 13.36 7.04
N SER A 233 -22.66 13.23 8.35
CA SER A 233 -22.81 11.93 9.00
C SER A 233 -24.29 11.79 9.35
N ILE A 234 -25.04 11.09 8.52
CA ILE A 234 -26.49 10.93 8.67
C ILE A 234 -26.78 10.03 9.87
N PRO A 235 -27.54 10.50 10.86
CA PRO A 235 -27.93 9.62 11.97
C PRO A 235 -28.73 8.41 11.51
N THR A 236 -28.54 7.30 12.22
CA THR A 236 -29.28 6.06 12.01
C THR A 236 -29.78 5.59 13.36
N GLY A 237 -30.79 4.72 13.33
CA GLY A 237 -31.32 4.20 14.58
C GLY A 237 -31.89 2.81 14.43
N ALA A 238 -32.33 2.26 15.56
CA ALA A 238 -32.83 0.89 15.60
C ALA A 238 -34.03 0.67 14.67
N GLU A 239 -34.68 1.74 14.22
CA GLU A 239 -35.82 1.60 13.32
C GLU A 239 -35.42 0.89 12.02
N THR A 240 -34.19 1.14 11.54
CA THR A 240 -33.68 0.52 10.31
C THR A 240 -32.57 -0.50 10.59
N ASP A 241 -32.47 -0.99 11.83
CA ASP A 241 -31.34 -1.81 12.25
C ASP A 241 -30.01 -1.11 11.91
N TYR A 242 -30.03 0.21 12.06
CA TYR A 242 -28.89 1.11 11.86
C TYR A 242 -28.40 1.16 10.42
N GLY A 243 -29.20 0.68 9.47
CA GLY A 243 -28.97 0.99 8.07
C GLY A 243 -29.36 2.42 7.73
N LEU A 244 -28.76 2.93 6.65
CA LEU A 244 -29.04 4.30 6.23
C LEU A 244 -30.48 4.42 5.75
N ASP A 245 -31.24 5.34 6.35
CA ASP A 245 -32.60 5.65 5.93
C ASP A 245 -32.54 6.52 4.68
N PRO A 246 -33.00 6.02 3.53
CA PRO A 246 -32.91 6.82 2.31
C PRO A 246 -33.70 8.12 2.36
N ALA A 247 -34.82 8.15 3.10
CA ALA A 247 -35.59 9.40 3.22
C ALA A 247 -34.78 10.45 3.96
N ARG A 248 -34.07 10.04 5.01
CA ARG A 248 -33.17 10.96 5.71
C ARG A 248 -32.01 11.41 4.82
N LEU A 249 -31.54 10.54 3.92
CA LEU A 249 -30.49 10.96 3.00
C LEU A 249 -31.02 11.97 2.00
N LEU A 250 -32.19 11.70 1.40
CA LEU A 250 -32.81 12.64 0.47
C LEU A 250 -33.06 14.00 1.16
N GLU A 251 -33.58 13.98 2.38
CA GLU A 251 -33.73 15.20 3.17
C GLU A 251 -32.41 16.00 3.27
N ALA A 252 -31.33 15.32 3.64
CA ALA A 252 -30.05 16.02 3.81
C ALA A 252 -29.51 16.53 2.47
N MET A 253 -29.63 15.75 1.40
CA MET A 253 -29.11 16.20 0.11
C MET A 253 -29.93 17.36 -0.45
N GLN A 254 -31.26 17.24 -0.40
CA GLN A 254 -32.12 18.31 -0.92
C GLN A 254 -31.90 19.61 -0.17
N ALA A 255 -31.76 19.54 1.15
CA ALA A 255 -31.51 20.73 1.93
C ALA A 255 -30.22 21.41 1.50
N ASP A 256 -29.16 20.62 1.26
CA ASP A 256 -27.88 21.18 0.81
C ASP A 256 -28.03 21.83 -0.57
N ALA A 257 -28.67 21.13 -1.50
CA ALA A 257 -28.92 21.70 -2.82
C ALA A 257 -29.69 23.02 -2.71
N ASP A 258 -30.78 23.02 -1.93
CA ASP A 258 -31.57 24.25 -1.76
C ASP A 258 -30.74 25.39 -1.23
N ALA A 259 -29.70 25.09 -0.44
CA ALA A 259 -28.83 26.10 0.14
C ALA A 259 -27.68 26.51 -0.78
N GLY A 260 -27.63 25.99 -2.00
CA GLY A 260 -26.57 26.35 -2.92
C GLY A 260 -25.33 25.48 -2.87
N LEU A 261 -25.34 24.42 -2.08
CA LEU A 261 -24.21 23.49 -2.04
C LEU A 261 -24.37 22.45 -3.14
N VAL A 262 -23.27 21.75 -3.44
CA VAL A 262 -23.32 20.75 -4.50
C VAL A 262 -23.17 19.36 -3.91
N PRO A 263 -24.26 18.58 -3.80
CA PRO A 263 -24.15 17.19 -3.33
C PRO A 263 -23.29 16.39 -4.30
N THR A 264 -22.20 15.82 -3.77
CA THR A 264 -21.11 15.33 -4.61
C THR A 264 -20.89 13.82 -4.57
N TYR A 265 -21.10 13.17 -3.43
CA TYR A 265 -20.72 11.78 -3.25
C TYR A 265 -21.49 11.24 -2.06
N VAL A 266 -21.96 10.02 -2.18
CA VAL A 266 -22.63 9.29 -1.11
C VAL A 266 -21.92 7.95 -0.97
N CYS A 267 -21.62 7.56 0.27
CA CYS A 267 -21.05 6.24 0.55
C CYS A 267 -22.09 5.38 1.25
N ALA A 268 -22.38 4.23 0.66
CA ALA A 268 -23.26 3.22 1.26
C ALA A 268 -22.41 2.05 1.72
N THR A 269 -22.68 1.54 2.92
CA THR A 269 -21.95 0.42 3.48
C THR A 269 -22.84 -0.81 3.54
N VAL A 270 -22.32 -1.93 3.04
CA VAL A 270 -22.95 -3.24 3.20
C VAL A 270 -22.08 -4.02 4.19
N GLY A 271 -22.53 -4.10 5.44
CA GLY A 271 -21.79 -4.79 6.49
C GLY A 271 -20.93 -3.84 7.30
N THR A 272 -21.58 -2.98 8.09
CA THR A 272 -20.86 -1.95 8.81
C THR A 272 -19.91 -2.59 9.83
N THR A 273 -18.87 -1.84 10.17
CA THR A 273 -17.84 -2.35 11.07
C THR A 273 -18.41 -2.62 12.48
N SER A 274 -19.28 -1.73 12.99
CA SER A 274 -19.72 -1.88 14.38
C SER A 274 -20.70 -3.04 14.55
N SER A 275 -21.79 -3.04 13.79
CA SER A 275 -22.89 -3.97 14.03
C SER A 275 -23.34 -4.72 12.78
N ASN A 276 -22.64 -4.55 11.65
CA ASN A 276 -22.94 -5.26 10.40
C ASN A 276 -24.31 -4.85 9.85
N ALA A 277 -24.64 -3.56 9.98
CA ALA A 277 -25.80 -3.01 9.29
C ALA A 277 -25.56 -3.02 7.78
N VAL A 278 -26.66 -3.02 7.01
CA VAL A 278 -26.61 -3.02 5.56
C VAL A 278 -27.44 -1.85 5.04
N ASP A 279 -26.80 -0.99 4.25
CA ASP A 279 -27.51 0.12 3.61
C ASP A 279 -28.23 -0.37 2.35
N PRO A 280 -29.46 0.13 2.07
CA PRO A 280 -30.16 -0.30 0.85
C PRO A 280 -29.54 0.33 -0.38
N VAL A 281 -28.72 -0.44 -1.10
CA VAL A 281 -27.89 0.13 -2.16
C VAL A 281 -28.75 0.75 -3.25
N GLY A 282 -29.79 0.04 -3.70
CA GLY A 282 -30.62 0.54 -4.78
C GLY A 282 -31.29 1.87 -4.45
N ALA A 283 -31.90 1.96 -3.26
CA ALA A 283 -32.62 3.18 -2.91
C ALA A 283 -31.66 4.33 -2.64
N VAL A 284 -30.48 4.06 -2.09
CA VAL A 284 -29.46 5.10 -1.94
C VAL A 284 -29.04 5.61 -3.32
N ALA A 285 -28.86 4.69 -4.27
CA ALA A 285 -28.49 5.08 -5.62
C ALA A 285 -29.58 5.97 -6.25
N ASP A 286 -30.84 5.59 -6.08
CA ASP A 286 -31.94 6.36 -6.66
C ASP A 286 -32.03 7.74 -6.04
N VAL A 287 -31.84 7.84 -4.72
CA VAL A 287 -31.87 9.15 -4.08
C VAL A 287 -30.74 10.02 -4.60
N ALA A 288 -29.54 9.45 -4.68
CA ALA A 288 -28.38 10.23 -5.11
C ALA A 288 -28.46 10.61 -6.59
N ALA A 289 -29.17 9.82 -7.38
CA ALA A 289 -29.29 10.14 -8.81
C ALA A 289 -30.09 11.40 -9.05
N ARG A 290 -30.93 11.83 -8.10
CA ARG A 290 -31.61 13.11 -8.27
C ARG A 290 -30.62 14.27 -8.26
N PHE A 291 -29.39 14.04 -7.78
CA PHE A 291 -28.37 15.09 -7.73
C PHE A 291 -27.15 14.80 -8.57
N ALA A 292 -27.13 13.70 -9.33
CA ALA A 292 -25.96 13.25 -10.10
C ALA A 292 -24.76 13.04 -9.19
N ALA A 293 -24.99 12.60 -7.97
CA ALA A 293 -23.92 12.38 -7.02
C ALA A 293 -23.31 11.00 -7.23
N TRP A 294 -22.00 10.91 -6.99
CA TRP A 294 -21.30 9.63 -7.06
C TRP A 294 -21.73 8.73 -5.90
N VAL A 295 -21.99 7.46 -6.20
CA VAL A 295 -22.36 6.48 -5.19
C VAL A 295 -21.31 5.39 -5.14
N HIS A 296 -20.65 5.24 -4.00
CA HIS A 296 -19.72 4.16 -3.74
C HIS A 296 -20.28 3.22 -2.68
N VAL A 297 -20.15 1.91 -2.92
CA VAL A 297 -20.54 0.88 -1.97
C VAL A 297 -19.28 0.34 -1.29
N ASP A 298 -19.18 0.52 0.02
CA ASP A 298 -18.13 -0.08 0.84
C ASP A 298 -18.65 -1.41 1.38
N ALA A 299 -18.15 -2.51 0.84
CA ALA A 299 -18.47 -3.85 1.33
C ALA A 299 -17.22 -4.57 1.79
N ALA A 300 -16.36 -3.85 2.52
CA ALA A 300 -15.03 -4.35 2.87
C ALA A 300 -15.08 -5.77 3.43
N TYR A 301 -15.93 -5.99 4.43
CA TYR A 301 -16.02 -7.30 5.07
C TYR A 301 -17.05 -8.20 4.40
N ALA A 302 -18.30 -7.74 4.31
CA ALA A 302 -19.41 -8.58 3.89
C ALA A 302 -19.46 -8.85 2.39
N GLY A 303 -18.73 -8.10 1.58
CA GLY A 303 -18.73 -8.36 0.15
C GLY A 303 -18.32 -9.78 -0.21
N SER A 304 -17.38 -10.37 0.55
CA SER A 304 -17.00 -11.76 0.28
C SER A 304 -18.17 -12.73 0.44
N ALA A 305 -19.07 -12.46 1.38
CA ALA A 305 -20.25 -13.32 1.55
C ALA A 305 -21.11 -13.35 0.29
N CYS A 306 -21.07 -12.29 -0.51
CA CYS A 306 -21.97 -12.19 -1.65
C CYS A 306 -21.60 -13.12 -2.80
N ILE A 307 -20.51 -13.90 -2.68
CA ILE A 307 -20.32 -15.01 -3.60
C ILE A 307 -21.29 -16.15 -3.34
N CYS A 308 -22.02 -16.10 -2.23
CA CYS A 308 -23.08 -17.05 -1.88
C CYS A 308 -24.43 -16.47 -2.27
N PRO A 309 -25.26 -17.24 -3.00
CA PRO A 309 -26.54 -16.69 -3.49
C PRO A 309 -27.50 -16.23 -2.40
N GLU A 310 -27.44 -16.80 -1.19
CA GLU A 310 -28.33 -16.35 -0.13
C GLU A 310 -27.94 -14.99 0.46
N PHE A 311 -26.76 -14.45 0.11
CA PHE A 311 -26.35 -13.12 0.56
C PHE A 311 -26.31 -12.10 -0.57
N ARG A 312 -26.40 -12.54 -1.83
CA ARG A 312 -26.22 -11.63 -2.95
C ARG A 312 -27.28 -10.53 -3.01
N HIS A 313 -28.42 -10.69 -2.29
CA HIS A 313 -29.43 -9.63 -2.29
C HIS A 313 -28.97 -8.36 -1.60
N HIS A 314 -27.98 -8.45 -0.71
CA HIS A 314 -27.46 -7.24 -0.08
C HIS A 314 -26.84 -6.30 -1.11
N LEU A 315 -26.47 -6.80 -2.29
CA LEU A 315 -25.88 -5.96 -3.33
C LEU A 315 -26.84 -5.55 -4.41
N ASP A 316 -28.12 -5.94 -4.34
CA ASP A 316 -29.10 -5.54 -5.34
C ASP A 316 -29.13 -4.03 -5.48
N GLY A 317 -29.11 -3.55 -6.72
CA GLY A 317 -28.95 -2.14 -6.99
C GLY A 317 -27.54 -1.67 -7.25
N VAL A 318 -26.53 -2.54 -7.03
CA VAL A 318 -25.15 -2.18 -7.35
C VAL A 318 -25.02 -1.80 -8.83
N GLU A 319 -25.86 -2.37 -9.68
CA GLU A 319 -25.90 -2.00 -11.10
C GLU A 319 -26.14 -0.51 -11.32
N ARG A 320 -26.60 0.22 -10.32
CA ARG A 320 -26.83 1.67 -10.48
C ARG A 320 -25.83 2.53 -9.72
N VAL A 321 -24.81 1.95 -9.08
CA VAL A 321 -23.84 2.75 -8.35
C VAL A 321 -22.64 3.00 -9.25
N ASP A 322 -21.74 3.88 -8.83
CA ASP A 322 -20.55 4.19 -9.62
C ASP A 322 -19.35 3.31 -9.29
N SER A 323 -19.27 2.80 -8.06
CA SER A 323 -18.09 2.07 -7.62
C SER A 323 -18.47 1.24 -6.41
N ILE A 324 -17.71 0.16 -6.21
CA ILE A 324 -17.87 -0.75 -5.09
C ILE A 324 -16.50 -1.36 -4.78
N SER A 325 -16.20 -1.51 -3.49
CA SER A 325 -14.97 -2.13 -3.05
C SER A 325 -15.29 -3.17 -1.99
N MET A 326 -14.43 -4.18 -1.92
CA MET A 326 -14.47 -5.16 -0.86
C MET A 326 -13.07 -5.75 -0.72
N SER A 327 -12.76 -6.26 0.47
CA SER A 327 -11.40 -6.67 0.75
C SER A 327 -11.33 -8.17 0.93
N PRO A 328 -10.78 -8.91 -0.04
CA PRO A 328 -10.47 -10.33 0.21
C PRO A 328 -9.56 -10.53 1.43
N HIS A 329 -8.80 -9.52 1.86
CA HIS A 329 -7.96 -9.69 3.04
C HIS A 329 -8.76 -9.60 4.34
N LYS A 330 -10.09 -9.50 4.27
CA LYS A 330 -10.89 -9.76 5.44
C LYS A 330 -11.43 -11.18 5.37
N TRP A 331 -12.41 -11.43 4.50
CA TRP A 331 -13.17 -12.67 4.56
C TRP A 331 -12.99 -13.56 3.33
N LEU A 332 -11.91 -13.39 2.56
CA LEU A 332 -11.72 -14.29 1.43
C LEU A 332 -10.31 -14.89 1.41
N MET A 333 -9.73 -15.14 2.59
CA MET A 333 -8.57 -16.01 2.74
C MET A 333 -7.35 -15.54 1.94
N THR A 334 -7.21 -14.23 1.75
CA THR A 334 -6.12 -13.63 1.00
C THR A 334 -5.39 -12.67 1.93
N CYS A 335 -4.18 -13.02 2.38
CA CYS A 335 -3.49 -12.22 3.38
C CYS A 335 -3.35 -10.75 2.94
N LEU A 336 -3.29 -9.85 3.93
CA LEU A 336 -3.09 -8.42 3.67
C LEU A 336 -1.82 -8.21 2.86
N ASP A 337 -1.82 -7.20 1.97
CA ASP A 337 -2.93 -6.32 1.68
C ASP A 337 -3.68 -6.80 0.44
N CYS A 338 -5.00 -6.66 0.40
CA CYS A 338 -5.75 -7.00 -0.80
C CYS A 338 -7.14 -6.36 -0.69
N THR A 339 -7.34 -5.25 -1.40
CA THR A 339 -8.65 -4.62 -1.50
C THR A 339 -8.97 -4.44 -2.98
N CYS A 340 -10.15 -4.88 -3.38
CA CYS A 340 -10.57 -4.83 -4.77
C CYS A 340 -11.60 -3.71 -4.97
N LEU A 341 -11.30 -2.82 -5.91
CA LEU A 341 -12.18 -1.73 -6.30
C LEU A 341 -12.68 -1.96 -7.72
N TYR A 342 -14.00 -1.90 -7.92
CA TYR A 342 -14.61 -1.97 -9.25
C TYR A 342 -15.33 -0.65 -9.54
N VAL A 343 -15.22 -0.17 -10.78
CA VAL A 343 -15.92 1.04 -11.20
C VAL A 343 -16.64 0.78 -12.51
N ARG A 344 -17.78 1.47 -12.70
CA ARG A 344 -18.50 1.36 -13.95
C ARG A 344 -17.86 2.17 -15.09
N ASP A 345 -17.03 3.17 -14.77
CA ASP A 345 -16.36 3.98 -15.80
C ASP A 345 -14.93 4.29 -15.36
N THR A 346 -13.98 3.45 -15.79
CA THR A 346 -12.59 3.67 -15.43
C THR A 346 -12.11 5.05 -15.89
N HIS A 347 -12.69 5.58 -16.95
CA HIS A 347 -12.27 6.87 -17.49
C HIS A 347 -12.48 8.01 -16.49
N ARG A 348 -13.51 7.88 -15.63
CA ARG A 348 -13.69 8.89 -14.58
C ARG A 348 -12.57 8.84 -13.54
N LEU A 349 -11.96 7.67 -13.32
CA LEU A 349 -10.83 7.60 -12.39
C LEU A 349 -9.53 8.03 -13.05
N THR A 350 -9.25 7.49 -14.24
CA THR A 350 -7.96 7.80 -14.87
C THR A 350 -7.88 9.28 -15.23
N GLY A 351 -9.04 9.93 -15.47
CA GLY A 351 -9.03 11.37 -15.68
C GLY A 351 -8.37 12.15 -14.56
N SER A 352 -8.60 11.73 -13.31
CA SER A 352 -7.99 12.37 -12.15
C SER A 352 -6.62 11.77 -11.79
N LEU A 353 -6.38 10.49 -12.07
CA LEU A 353 -5.23 9.81 -11.49
C LEU A 353 -4.06 9.59 -12.45
N GLU A 354 -4.29 9.72 -13.76
CA GLU A 354 -3.25 9.35 -14.70
C GLU A 354 -2.13 10.38 -14.72
N THR A 355 -0.96 9.91 -15.07
CA THR A 355 0.19 10.72 -15.41
C THR A 355 0.78 10.17 -16.71
N ASN A 356 1.68 10.93 -17.33
CA ASN A 356 2.32 10.43 -18.55
C ASN A 356 3.78 10.87 -18.58
N PRO A 357 4.56 10.56 -17.55
CA PRO A 357 5.96 10.97 -17.54
C PRO A 357 6.73 10.25 -18.64
N GLU A 358 7.73 10.95 -19.17
CA GLU A 358 8.42 10.50 -20.37
C GLU A 358 9.11 9.17 -20.14
N TYR A 359 9.72 8.97 -18.95
CA TYR A 359 10.53 7.78 -18.73
C TYR A 359 9.70 6.50 -18.67
N LEU A 360 8.37 6.62 -18.54
CA LEU A 360 7.50 5.45 -18.51
C LEU A 360 6.85 5.15 -19.86
N LYS A 361 7.05 6.02 -20.86
CA LYS A 361 6.36 5.85 -22.13
C LYS A 361 6.79 4.57 -22.85
N ASN A 362 5.81 3.91 -23.47
CA ASN A 362 6.03 2.67 -24.20
C ASN A 362 4.92 2.51 -25.22
N HIS A 363 5.15 1.61 -26.18
CA HIS A 363 4.21 1.45 -27.29
C HIS A 363 2.87 0.91 -26.82
N ALA A 364 2.88 -0.03 -25.87
CA ALA A 364 1.61 -0.60 -25.42
C ALA A 364 0.73 0.45 -24.75
N SER A 365 1.33 1.30 -23.92
CA SER A 365 0.57 2.38 -23.28
C SER A 365 0.07 3.37 -24.32
N ASP A 366 0.92 3.75 -25.28
CA ASP A 366 0.49 4.64 -26.35
C ASP A 366 -0.70 4.08 -27.12
N SER A 367 -0.77 2.76 -27.28
CA SER A 367 -1.78 2.19 -28.16
C SER A 367 -3.19 2.29 -27.59
N GLY A 368 -3.33 2.56 -26.30
CA GLY A 368 -4.64 2.59 -25.66
C GLY A 368 -5.22 1.23 -25.35
N GLU A 369 -4.54 0.14 -25.70
CA GLU A 369 -5.09 -1.21 -25.54
C GLU A 369 -4.88 -1.81 -24.15
N VAL A 370 -4.09 -1.16 -23.27
CA VAL A 370 -3.87 -1.66 -21.91
C VAL A 370 -4.23 -0.55 -20.94
N THR A 371 -4.56 -0.96 -19.71
CA THR A 371 -4.69 0.00 -18.63
C THR A 371 -3.47 -0.13 -17.73
N ASP A 372 -2.71 0.96 -17.61
CA ASP A 372 -1.58 1.01 -16.70
C ASP A 372 -2.12 1.28 -15.31
N LEU A 373 -1.89 0.37 -14.37
CA LEU A 373 -2.64 0.45 -13.11
C LEU A 373 -2.11 1.54 -12.19
N LYS A 374 -0.95 2.13 -12.49
CA LYS A 374 -0.62 3.38 -11.83
C LYS A 374 -1.70 4.44 -12.01
N ASP A 375 -2.46 4.37 -13.12
CA ASP A 375 -3.49 5.37 -13.35
C ASP A 375 -4.80 5.02 -12.65
N MET A 376 -4.82 3.99 -11.82
CA MET A 376 -5.98 3.62 -11.04
C MET A 376 -5.72 3.70 -9.54
N GLN A 377 -4.63 4.33 -9.12
CA GLN A 377 -4.22 4.30 -7.72
C GLN A 377 -3.52 5.62 -7.40
N VAL A 378 -3.15 5.78 -6.14
CA VAL A 378 -2.42 6.98 -5.73
C VAL A 378 -0.98 6.93 -6.24
N GLY A 379 -0.29 5.80 -6.03
CA GLY A 379 1.15 5.75 -6.25
C GLY A 379 1.52 5.29 -7.66
N VAL A 380 2.83 5.20 -7.89
CA VAL A 380 3.35 4.71 -9.17
C VAL A 380 3.60 3.20 -9.08
N GLY A 381 4.55 2.79 -8.23
CA GLY A 381 4.85 1.38 -8.07
C GLY A 381 3.70 0.60 -7.45
N ARG A 382 3.80 -0.73 -7.57
CA ARG A 382 2.83 -1.65 -7.00
C ARG A 382 3.36 -3.07 -7.12
N ARG A 383 3.06 -3.87 -6.10
CA ARG A 383 3.38 -5.29 -6.04
C ARG A 383 2.50 -6.07 -7.00
N PHE A 384 2.90 -7.33 -7.23
CA PHE A 384 2.11 -8.30 -7.98
C PHE A 384 1.08 -8.95 -7.06
N ARG A 385 0.08 -8.16 -6.67
CA ARG A 385 -0.91 -8.65 -5.71
C ARG A 385 -1.94 -9.55 -6.37
N GLY A 386 -2.08 -9.52 -7.70
CA GLY A 386 -3.00 -10.43 -8.35
C GLY A 386 -2.64 -11.90 -8.19
N LEU A 387 -1.36 -12.21 -7.94
CA LEU A 387 -0.94 -13.61 -7.89
C LEU A 387 -1.62 -14.35 -6.74
N LYS A 388 -1.54 -13.80 -5.52
CA LYS A 388 -2.14 -14.48 -4.37
C LYS A 388 -3.64 -14.65 -4.55
N LEU A 389 -4.33 -13.60 -5.00
CA LEU A 389 -5.77 -13.68 -5.16
C LEU A 389 -6.14 -14.74 -6.20
N TRP A 390 -5.43 -14.76 -7.34
CA TRP A 390 -5.67 -15.78 -8.35
C TRP A 390 -5.37 -17.19 -7.80
N MET A 391 -4.29 -17.33 -7.03
CA MET A 391 -3.93 -18.65 -6.51
C MET A 391 -5.00 -19.19 -5.57
N VAL A 392 -5.61 -18.30 -4.77
CA VAL A 392 -6.70 -18.69 -3.88
C VAL A 392 -7.87 -19.24 -4.68
N MET A 393 -8.36 -18.47 -5.65
CA MET A 393 -9.48 -18.93 -6.46
C MET A 393 -9.11 -20.17 -7.28
N ARG A 394 -7.91 -20.18 -7.88
CA ARG A 394 -7.54 -21.28 -8.76
C ARG A 394 -7.37 -22.58 -7.97
N THR A 395 -6.74 -22.50 -6.79
CA THR A 395 -6.46 -23.74 -6.06
C THR A 395 -7.71 -24.28 -5.37
N TYR A 396 -8.50 -23.42 -4.73
CA TYR A 396 -9.61 -23.89 -3.91
C TYR A 396 -10.94 -23.98 -4.67
N GLY A 397 -11.22 -23.08 -5.59
CA GLY A 397 -12.46 -23.12 -6.34
C GLY A 397 -13.61 -22.40 -5.65
N VAL A 398 -14.63 -22.08 -6.44
CA VAL A 398 -15.76 -21.30 -5.93
C VAL A 398 -16.48 -22.06 -4.82
N ALA A 399 -16.72 -23.36 -5.03
CA ALA A 399 -17.51 -24.12 -4.07
C ALA A 399 -16.88 -24.11 -2.68
N LYS A 400 -15.55 -24.25 -2.61
CA LYS A 400 -14.88 -24.20 -1.32
C LYS A 400 -14.90 -22.79 -0.72
N LEU A 401 -14.75 -21.76 -1.56
CA LEU A 401 -14.87 -20.40 -1.04
C LEU A 401 -16.28 -20.14 -0.52
N GLN A 402 -17.29 -20.63 -1.24
CA GLN A 402 -18.67 -20.50 -0.75
C GLN A 402 -18.86 -21.23 0.56
N GLU A 403 -18.40 -22.49 0.65
CA GLU A 403 -18.55 -23.24 1.89
C GLU A 403 -17.76 -22.62 3.03
N HIS A 404 -16.65 -21.93 2.73
CA HIS A 404 -15.91 -21.24 3.77
C HIS A 404 -16.73 -20.11 4.38
N ILE A 405 -17.43 -19.34 3.54
CA ILE A 405 -18.36 -18.33 4.05
C ILE A 405 -19.45 -18.98 4.89
N ARG A 406 -20.06 -20.05 4.36
CA ARG A 406 -21.23 -20.64 4.99
C ARG A 406 -20.90 -21.26 6.35
N SER A 407 -19.75 -21.95 6.46
CA SER A 407 -19.41 -22.56 7.74
C SER A 407 -19.11 -21.53 8.82
N ASP A 408 -18.54 -20.38 8.44
CA ASP A 408 -18.36 -19.28 9.39
C ASP A 408 -19.70 -18.71 9.84
N VAL A 409 -20.62 -18.54 8.90
CA VAL A 409 -21.96 -18.04 9.22
C VAL A 409 -22.66 -19.01 10.17
N ALA A 410 -22.53 -20.31 9.90
CA ALA A 410 -23.18 -21.30 10.75
C ALA A 410 -22.60 -21.31 12.15
N MET A 411 -21.27 -21.18 12.27
CA MET A 411 -20.67 -21.09 13.60
C MET A 411 -21.18 -19.86 14.34
N ALA A 412 -21.33 -18.73 13.64
CA ALA A 412 -21.82 -17.52 14.28
C ALA A 412 -23.28 -17.67 14.71
N LYS A 413 -24.08 -18.35 13.87
CA LYS A 413 -25.45 -18.69 14.26
C LYS A 413 -25.48 -19.54 15.52
N VAL A 414 -24.61 -20.55 15.61
CA VAL A 414 -24.49 -21.37 16.82
C VAL A 414 -24.31 -20.48 18.04
N PHE A 415 -23.32 -19.57 17.98
CA PHE A 415 -23.06 -18.65 19.07
C PHE A 415 -24.26 -17.76 19.35
N GLU A 416 -24.90 -17.25 18.29
CA GLU A 416 -26.06 -16.38 18.47
C GLU A 416 -27.15 -17.08 19.26
N ASP A 417 -27.45 -18.32 18.89
CA ASP A 417 -28.53 -19.05 19.55
C ASP A 417 -28.15 -19.41 20.97
N LEU A 418 -26.86 -19.63 21.23
CA LEU A 418 -26.41 -19.81 22.60
C LEU A 418 -26.68 -18.57 23.44
N VAL A 419 -26.31 -17.39 22.91
CA VAL A 419 -26.58 -16.15 23.63
C VAL A 419 -28.07 -16.00 23.88
N ARG A 420 -28.91 -16.38 22.91
CA ARG A 420 -30.34 -16.16 23.01
C ARG A 420 -30.96 -17.02 24.12
N GLY A 421 -30.45 -18.24 24.31
CA GLY A 421 -30.94 -19.17 25.31
C GLY A 421 -30.48 -18.90 26.72
N ASP A 422 -29.84 -17.75 26.97
CA ASP A 422 -29.39 -17.36 28.29
C ASP A 422 -30.01 -15.99 28.58
N ASP A 423 -30.90 -15.94 29.57
CA ASP A 423 -31.69 -14.74 29.82
C ASP A 423 -30.88 -13.60 30.41
N ARG A 424 -29.66 -13.85 30.85
CA ARG A 424 -28.83 -12.74 31.32
C ARG A 424 -28.32 -11.88 30.18
N PHE A 425 -28.42 -12.36 28.94
CA PHE A 425 -27.83 -11.70 27.78
C PHE A 425 -28.90 -11.35 26.77
N GLU A 426 -28.53 -10.43 25.86
CA GLU A 426 -29.35 -10.11 24.70
C GLU A 426 -28.47 -10.00 23.45
N VAL A 427 -28.99 -10.48 22.32
CA VAL A 427 -28.44 -10.13 21.02
C VAL A 427 -28.98 -8.75 20.64
N VAL A 428 -28.08 -7.85 20.28
CA VAL A 428 -28.43 -6.43 20.20
C VAL A 428 -29.07 -6.09 18.86
N VAL A 429 -28.62 -6.71 17.77
CA VAL A 429 -29.19 -6.45 16.45
C VAL A 429 -29.34 -7.79 15.73
N PRO A 430 -30.11 -7.82 14.64
CA PRO A 430 -30.13 -9.03 13.80
C PRO A 430 -28.74 -9.35 13.28
N ARG A 431 -28.41 -10.64 13.22
CA ARG A 431 -27.12 -11.09 12.69
C ARG A 431 -27.23 -11.34 11.20
N ASN A 432 -26.50 -10.55 10.40
CA ASN A 432 -26.55 -10.71 8.95
C ASN A 432 -25.45 -11.64 8.42
N PHE A 433 -24.29 -11.70 9.08
CA PHE A 433 -23.18 -12.49 8.57
C PHE A 433 -22.56 -13.32 9.69
N ALA A 434 -21.31 -13.07 10.05
CA ALA A 434 -20.66 -13.90 11.07
C ALA A 434 -20.20 -13.08 12.27
N LEU A 435 -20.75 -11.90 12.45
CA LEU A 435 -20.51 -11.08 13.64
C LEU A 435 -21.79 -11.07 14.48
N VAL A 436 -21.67 -11.46 15.75
CA VAL A 436 -22.76 -11.37 16.71
C VAL A 436 -22.47 -10.21 17.65
N CYS A 437 -23.44 -9.33 17.84
CA CYS A 437 -23.37 -8.26 18.83
C CYS A 437 -24.25 -8.63 20.01
N PHE A 438 -23.65 -8.75 21.19
CA PHE A 438 -24.40 -9.20 22.35
C PHE A 438 -23.94 -8.42 23.58
N ARG A 439 -24.69 -8.60 24.65
CA ARG A 439 -24.57 -7.75 25.83
C ARG A 439 -25.17 -8.45 27.02
N ILE A 440 -24.58 -8.22 28.20
CA ILE A 440 -25.27 -8.53 29.44
C ILE A 440 -26.47 -7.60 29.57
N ARG A 441 -27.67 -8.18 29.62
CA ARG A 441 -28.91 -7.42 29.69
C ARG A 441 -29.01 -6.61 30.98
N ALA A 442 -29.83 -5.55 30.94
CA ALA A 442 -30.20 -4.83 32.15
C ALA A 442 -31.24 -5.62 32.92
N GLY A 443 -31.02 -5.77 34.23
CA GLY A 443 -31.88 -6.64 35.02
C GLY A 443 -31.48 -8.09 34.98
N ALA A 444 -30.25 -8.40 34.58
CA ALA A 444 -29.78 -9.77 34.50
C ALA A 444 -29.28 -10.28 35.85
N GLY A 445 -28.69 -9.39 36.66
CA GLY A 445 -28.27 -9.72 38.01
C GLY A 445 -28.33 -8.48 38.89
N ALA A 446 -27.86 -8.59 40.14
CA ALA A 446 -27.85 -7.44 41.02
C ALA A 446 -26.75 -6.44 40.67
N ALA A 447 -25.72 -6.87 39.94
CA ALA A 447 -24.66 -5.98 39.45
C ALA A 447 -24.99 -5.38 38.09
N ALA A 448 -26.20 -5.60 37.59
CA ALA A 448 -26.70 -4.99 36.35
C ALA A 448 -28.19 -4.71 36.52
N ALA A 449 -28.53 -3.83 37.47
CA ALA A 449 -29.90 -3.37 37.61
C ALA A 449 -30.23 -2.29 36.57
N THR A 450 -29.42 -1.23 36.51
CA THR A 450 -29.61 -0.15 35.55
C THR A 450 -29.00 -0.54 34.20
N GLU A 451 -29.17 0.35 33.22
CA GLU A 451 -28.39 0.24 31.98
C GLU A 451 -26.97 0.74 32.18
N GLU A 452 -26.80 1.75 33.04
CA GLU A 452 -25.47 2.23 33.38
C GLU A 452 -24.66 1.15 34.11
N ASP A 453 -25.32 0.30 34.89
CA ASP A 453 -24.62 -0.83 35.51
C ASP A 453 -24.26 -1.89 34.48
N ALA A 454 -25.19 -2.18 33.57
CA ALA A 454 -24.90 -3.14 32.51
C ALA A 454 -23.74 -2.66 31.64
N ASP A 455 -23.71 -1.36 31.32
CA ASP A 455 -22.58 -0.80 30.59
C ASP A 455 -21.26 -1.11 31.30
N GLU A 456 -21.23 -0.99 32.63
CA GLU A 456 -20.00 -1.28 33.35
C GLU A 456 -19.76 -2.78 33.49
N ALA A 457 -20.83 -3.58 33.57
CA ALA A 457 -20.68 -5.03 33.69
C ALA A 457 -20.14 -5.64 32.41
N ASN A 458 -20.53 -5.11 31.27
CA ASN A 458 -20.03 -5.61 29.99
C ASN A 458 -18.56 -5.23 29.79
N ARG A 459 -18.16 -4.04 30.24
CA ARG A 459 -16.75 -3.66 30.17
C ARG A 459 -15.91 -4.54 31.10
N GLU A 460 -16.45 -4.89 32.27
CA GLU A 460 -15.76 -5.79 33.18
C GLU A 460 -15.67 -7.19 32.58
N LEU A 461 -16.77 -7.68 31.99
CA LEU A 461 -16.75 -8.99 31.36
C LEU A 461 -15.73 -9.04 30.22
N MET A 462 -15.61 -7.96 29.46
CA MET A 462 -14.67 -7.91 28.35
C MET A 462 -13.24 -7.91 28.83
N GLU A 463 -12.94 -7.11 29.87
CA GLU A 463 -11.58 -7.06 30.37
C GLU A 463 -11.18 -8.38 31.02
N ARG A 464 -12.13 -9.08 31.64
CA ARG A 464 -11.85 -10.37 32.25
C ARG A 464 -11.57 -11.41 31.19
N LEU A 465 -12.42 -11.49 30.18
CA LEU A 465 -12.22 -12.45 29.09
C LEU A 465 -10.85 -12.31 28.47
N ASN A 466 -10.41 -11.07 28.23
CA ASN A 466 -9.11 -10.84 27.61
C ASN A 466 -7.97 -11.20 28.55
N LYS A 467 -8.17 -11.03 29.86
CA LYS A 467 -7.11 -11.31 30.82
C LYS A 467 -6.80 -12.80 30.88
N THR A 468 -7.77 -13.66 30.54
CA THR A 468 -7.52 -15.09 30.57
C THR A 468 -6.57 -15.56 29.46
N GLY A 469 -6.39 -14.76 28.41
CA GLY A 469 -5.60 -15.21 27.29
C GLY A 469 -6.27 -16.22 26.39
N LYS A 470 -7.50 -16.61 26.70
CA LYS A 470 -8.25 -17.57 25.90
C LYS A 470 -9.32 -16.90 25.07
N ALA A 471 -9.24 -15.57 24.93
CA ALA A 471 -10.16 -14.79 24.13
C ALA A 471 -9.54 -13.42 23.89
N TYR A 472 -9.94 -12.80 22.78
CA TYR A 472 -9.76 -11.38 22.57
C TYR A 472 -11.09 -10.86 22.04
N VAL A 473 -11.77 -10.09 22.88
CA VAL A 473 -13.05 -9.47 22.57
C VAL A 473 -12.88 -7.97 22.72
N ALA A 474 -13.47 -7.21 21.79
CA ALA A 474 -13.48 -5.77 21.87
C ALA A 474 -14.92 -5.30 21.71
N HIS A 475 -15.16 -4.04 22.05
CA HIS A 475 -16.52 -3.57 22.21
C HIS A 475 -16.89 -2.56 21.12
N THR A 476 -18.19 -2.28 21.06
CA THR A 476 -18.71 -1.15 20.28
C THR A 476 -19.88 -0.55 21.05
N VAL A 477 -20.40 0.57 20.54
CA VAL A 477 -21.60 1.23 21.07
C VAL A 477 -22.72 1.13 20.04
N VAL A 478 -23.84 0.53 20.42
CA VAL A 478 -25.03 0.41 19.57
C VAL A 478 -26.18 1.13 20.27
N GLY A 479 -26.60 2.26 19.71
CA GLY A 479 -27.66 3.05 20.31
C GLY A 479 -27.41 3.44 21.75
N GLY A 480 -26.26 4.06 22.02
CA GLY A 480 -25.90 4.50 23.37
C GLY A 480 -25.53 3.41 24.34
N ARG A 481 -25.55 2.14 23.94
CA ARG A 481 -25.32 1.01 24.83
C ARG A 481 -23.96 0.37 24.54
N PHE A 482 -23.18 0.15 25.60
CA PHE A 482 -21.92 -0.59 25.52
C PHE A 482 -22.20 -2.02 25.10
N VAL A 483 -21.64 -2.44 23.96
CA VAL A 483 -21.96 -3.74 23.37
C VAL A 483 -20.67 -4.51 23.08
N LEU A 484 -20.72 -5.82 23.23
CA LEU A 484 -19.59 -6.69 22.91
C LEU A 484 -19.79 -7.24 21.50
N ARG A 485 -18.74 -7.19 20.69
CA ARG A 485 -18.74 -7.83 19.38
C ARG A 485 -18.13 -9.22 19.51
N PHE A 486 -18.72 -10.18 18.79
CA PHE A 486 -18.15 -11.52 18.67
C PHE A 486 -18.03 -11.84 17.18
N ALA A 487 -16.85 -11.63 16.63
CA ALA A 487 -16.62 -11.73 15.19
C ALA A 487 -15.97 -13.08 14.88
N VAL A 488 -16.75 -13.97 14.30
CA VAL A 488 -16.34 -15.34 14.06
C VAL A 488 -15.58 -15.43 12.75
N GLY A 489 -14.60 -16.32 12.68
CA GLY A 489 -14.06 -16.66 11.38
C GLY A 489 -12.55 -16.71 11.24
N SER A 490 -11.82 -16.44 12.33
CA SER A 490 -10.38 -16.62 12.29
C SER A 490 -10.06 -17.99 11.71
N SER A 491 -9.11 -18.03 10.77
CA SER A 491 -9.03 -19.17 9.88
C SER A 491 -8.79 -20.49 10.64
N LEU A 492 -7.99 -20.45 11.71
CA LEU A 492 -7.71 -21.64 12.52
C LEU A 492 -8.86 -22.01 13.46
N GLN A 493 -9.90 -21.20 13.51
CA GLN A 493 -10.95 -21.34 14.51
C GLN A 493 -12.00 -22.33 14.05
N GLU A 494 -12.33 -23.30 14.91
CA GLU A 494 -13.35 -24.31 14.65
C GLU A 494 -14.53 -24.08 15.59
N GLU A 495 -15.58 -24.88 15.39
CA GLU A 495 -16.81 -24.68 16.16
C GLU A 495 -16.59 -24.89 17.66
N HIS A 496 -15.69 -25.81 18.04
CA HIS A 496 -15.48 -26.05 19.46
C HIS A 496 -14.81 -24.84 20.12
N HIS A 497 -14.01 -24.08 19.38
CA HIS A 497 -13.48 -22.83 19.91
C HIS A 497 -14.61 -21.85 20.22
N VAL A 498 -15.64 -21.82 19.37
CA VAL A 498 -16.77 -20.90 19.59
C VAL A 498 -17.62 -21.37 20.77
N ARG A 499 -17.86 -22.68 20.87
CA ARG A 499 -18.62 -23.19 22.00
C ARG A 499 -17.87 -22.99 23.32
N SER A 500 -16.57 -23.26 23.32
CA SER A 500 -15.78 -23.05 24.54
C SER A 500 -15.71 -21.57 24.92
N ALA A 501 -15.74 -20.66 23.92
CA ALA A 501 -15.74 -19.24 24.25
C ALA A 501 -17.06 -18.83 24.90
N TRP A 502 -18.17 -19.43 24.46
CA TRP A 502 -19.44 -19.15 25.11
C TRP A 502 -19.45 -19.67 26.54
N GLU A 503 -18.94 -20.88 26.76
CA GLU A 503 -18.82 -21.39 28.13
C GLU A 503 -17.96 -20.46 28.97
N LEU A 504 -16.89 -19.92 28.39
CA LEU A 504 -16.06 -18.98 29.14
C LEU A 504 -16.82 -17.69 29.43
N ILE A 505 -17.72 -17.27 28.53
CA ILE A 505 -18.51 -16.08 28.80
C ILE A 505 -19.50 -16.35 29.93
N LYS A 506 -20.20 -17.48 29.88
CA LYS A 506 -21.18 -17.80 30.92
C LYS A 506 -20.51 -17.85 32.29
N LYS A 507 -19.38 -18.54 32.38
CA LYS A 507 -18.74 -18.76 33.68
C LYS A 507 -18.12 -17.50 34.22
N THR A 508 -17.52 -16.69 33.35
CA THR A 508 -17.03 -15.38 33.79
C THR A 508 -18.18 -14.50 34.27
N THR A 509 -19.31 -14.56 33.59
CA THR A 509 -20.46 -13.77 33.99
C THR A 509 -20.97 -14.20 35.37
N THR A 510 -21.17 -15.51 35.55
CA THR A 510 -21.65 -16.02 36.83
C THR A 510 -20.74 -15.62 37.98
N GLU A 511 -19.42 -15.69 37.80
CA GLU A 511 -18.51 -15.27 38.85
C GLU A 511 -18.60 -13.78 39.12
N MET A 512 -19.04 -12.99 38.13
CA MET A 512 -19.16 -11.56 38.33
C MET A 512 -20.39 -11.17 39.13
N MET A 513 -21.44 -11.98 39.07
CA MET A 513 -22.69 -11.61 39.73
C MET A 513 -22.61 -11.78 41.25
N ASN A 514 -21.86 -12.76 41.74
CA ASN A 514 -21.64 -12.90 43.18
C ASN A 514 -20.16 -12.75 43.53
N THR B 21 -14.99 -28.89 7.75
CA THR B 21 -13.81 -29.73 7.74
C THR B 21 -12.67 -29.15 6.89
N PHE B 22 -12.94 -28.14 6.05
CA PHE B 22 -11.89 -27.52 5.23
C PHE B 22 -11.07 -26.56 6.07
N GLN B 23 -9.79 -26.87 6.26
CA GLN B 23 -8.87 -26.04 7.03
C GLN B 23 -7.89 -25.40 6.07
N PRO B 24 -8.04 -24.11 5.73
CA PRO B 24 -7.12 -23.50 4.76
C PRO B 24 -5.69 -23.36 5.27
N LEU B 25 -5.47 -23.44 6.58
CA LEU B 25 -4.13 -23.39 7.14
C LEU B 25 -3.73 -24.71 7.79
N ASN B 26 -4.23 -25.83 7.27
CA ASN B 26 -3.80 -27.11 7.82
C ASN B 26 -2.30 -27.31 7.60
N ALA B 27 -1.71 -28.07 8.52
CA ALA B 27 -0.25 -28.14 8.62
C ALA B 27 0.38 -28.74 7.37
N ASP B 28 -0.29 -29.70 6.73
CA ASP B 28 0.29 -30.37 5.58
C ASP B 28 0.32 -29.44 4.36
N ASP B 29 -0.80 -28.79 4.08
CA ASP B 29 -0.83 -27.83 2.97
C ASP B 29 0.15 -26.69 3.20
N VAL B 30 0.19 -26.14 4.41
CA VAL B 30 1.06 -24.99 4.67
C VAL B 30 2.51 -25.34 4.32
N ARG B 31 2.95 -26.52 4.77
CA ARG B 31 4.32 -26.95 4.55
C ARG B 31 4.56 -27.33 3.09
N SER B 32 3.64 -28.06 2.47
CA SER B 32 3.89 -28.49 1.11
C SER B 32 3.73 -27.33 0.11
N TYR B 33 2.72 -26.46 0.28
CA TYR B 33 2.58 -25.31 -0.60
C TYR B 33 3.78 -24.38 -0.49
N LEU B 34 4.22 -24.09 0.72
CA LEU B 34 5.34 -23.17 0.88
C LEU B 34 6.63 -23.78 0.36
N HIS B 35 6.82 -25.10 0.57
CA HIS B 35 8.03 -25.75 0.05
C HIS B 35 8.08 -25.69 -1.46
N LYS B 36 6.93 -25.89 -2.11
CA LYS B 36 6.86 -25.76 -3.57
C LYS B 36 7.15 -24.32 -4.01
N ALA B 37 6.56 -23.33 -3.33
CA ALA B 37 6.92 -21.93 -3.59
C ALA B 37 8.42 -21.70 -3.41
N VAL B 38 9.02 -22.25 -2.36
CA VAL B 38 10.44 -22.01 -2.13
C VAL B 38 11.28 -22.67 -3.23
N ASP B 39 10.89 -23.88 -3.64
CA ASP B 39 11.57 -24.54 -4.75
C ASP B 39 11.50 -23.68 -6.00
N PHE B 40 10.30 -23.14 -6.30
CA PHE B 40 10.13 -22.26 -7.44
C PHE B 40 11.07 -21.07 -7.36
N ILE B 41 11.15 -20.45 -6.17
CA ILE B 41 11.99 -19.27 -6.03
C ILE B 41 13.45 -19.60 -6.25
N SER B 42 13.91 -20.69 -5.64
CA SER B 42 15.28 -21.16 -5.84
C SER B 42 15.59 -21.32 -7.33
N ASP B 43 14.74 -22.08 -8.04
CA ASP B 43 14.94 -22.28 -9.47
C ASP B 43 14.86 -20.97 -10.23
N TYR B 44 13.91 -20.11 -9.85
CA TYR B 44 13.74 -18.86 -10.57
C TYR B 44 15.02 -18.03 -10.53
N TYR B 45 15.58 -17.82 -9.34
CA TYR B 45 16.82 -17.05 -9.27
C TYR B 45 17.94 -17.74 -10.03
N LYS B 46 17.98 -19.07 -10.03
CA LYS B 46 19.09 -19.74 -10.71
C LYS B 46 18.97 -19.62 -12.22
N SER B 47 17.75 -19.48 -12.75
CA SER B 47 17.56 -19.54 -14.19
C SER B 47 17.10 -18.21 -14.80
N VAL B 48 16.83 -17.18 -14.00
CA VAL B 48 16.23 -15.96 -14.55
C VAL B 48 17.15 -15.28 -15.57
N GLU B 49 18.47 -15.38 -15.39
CA GLU B 49 19.38 -14.77 -16.37
C GLU B 49 19.23 -15.40 -17.75
N SER B 50 18.89 -16.69 -17.81
CA SER B 50 18.72 -17.35 -19.09
C SER B 50 17.45 -16.95 -19.82
N MET B 51 16.53 -16.24 -19.16
CA MET B 51 15.30 -15.79 -19.79
C MET B 51 15.51 -14.44 -20.47
N PRO B 52 14.72 -14.11 -21.49
CA PRO B 52 14.71 -12.73 -21.98
C PRO B 52 14.13 -11.81 -20.91
N VAL B 53 14.81 -10.69 -20.66
CA VAL B 53 14.36 -9.79 -19.59
C VAL B 53 12.95 -9.29 -19.89
N LEU B 54 12.75 -8.74 -21.09
CA LEU B 54 11.47 -8.26 -21.60
C LEU B 54 10.75 -9.40 -22.30
N PRO B 55 9.49 -9.67 -21.97
CA PRO B 55 8.81 -10.80 -22.58
C PRO B 55 8.30 -10.44 -23.96
N ASN B 56 8.11 -11.47 -24.76
CA ASN B 56 7.64 -11.32 -26.14
C ASN B 56 6.15 -11.63 -26.24
N VAL B 57 5.37 -10.91 -25.45
CA VAL B 57 3.93 -11.09 -25.45
C VAL B 57 3.26 -9.79 -25.85
N LYS B 58 2.10 -9.91 -26.42
CA LYS B 58 1.24 -8.80 -26.78
C LYS B 58 0.12 -8.65 -25.76
N PRO B 59 -0.44 -7.45 -25.62
CA PRO B 59 -1.58 -7.27 -24.71
C PRO B 59 -2.69 -8.27 -24.95
N GLY B 60 -3.21 -8.82 -23.86
CA GLY B 60 -4.28 -9.79 -23.93
C GLY B 60 -3.83 -11.24 -23.96
N TYR B 61 -2.53 -11.52 -24.00
CA TYR B 61 -2.06 -12.90 -24.18
C TYR B 61 -2.58 -13.85 -23.09
N LEU B 62 -2.77 -13.35 -21.87
CA LEU B 62 -3.02 -14.26 -20.76
C LEU B 62 -4.41 -14.87 -20.84
N GLN B 63 -5.40 -14.06 -21.24
CA GLN B 63 -6.77 -14.55 -21.34
C GLN B 63 -6.93 -15.63 -22.41
N ASP B 64 -5.99 -15.72 -23.35
CA ASP B 64 -5.94 -16.82 -24.30
C ASP B 64 -5.26 -18.08 -23.74
N GLU B 65 -4.67 -18.02 -22.56
CA GLU B 65 -4.02 -19.16 -21.93
C GLU B 65 -4.84 -19.77 -20.80
N LEU B 66 -5.41 -18.93 -19.94
CA LEU B 66 -6.07 -19.39 -18.75
C LEU B 66 -7.58 -19.32 -18.93
N ARG B 67 -8.28 -20.17 -18.20
CA ARG B 67 -9.74 -20.26 -18.26
C ARG B 67 -10.39 -18.90 -17.95
N ALA B 68 -11.56 -18.67 -18.56
CA ALA B 68 -12.20 -17.38 -18.44
C ALA B 68 -12.96 -17.21 -17.12
N SER B 69 -13.31 -18.30 -16.45
CA SER B 69 -14.08 -18.29 -15.22
C SER B 69 -13.33 -19.00 -14.11
N PRO B 70 -13.56 -18.62 -12.86
CA PRO B 70 -12.94 -19.35 -11.75
C PRO B 70 -13.42 -20.78 -11.72
N PRO B 71 -12.56 -21.74 -11.35
CA PRO B 71 -12.98 -23.14 -11.34
C PRO B 71 -13.96 -23.42 -10.21
N THR B 72 -14.96 -24.27 -10.50
CA THR B 72 -15.91 -24.65 -9.45
C THR B 72 -15.23 -25.46 -8.37
N TYR B 73 -14.43 -26.46 -8.76
CA TYR B 73 -13.82 -27.39 -7.83
C TYR B 73 -12.38 -27.00 -7.54
N SER B 74 -11.82 -27.63 -6.51
CA SER B 74 -10.43 -27.38 -6.17
C SER B 74 -9.52 -28.19 -7.07
N ALA B 75 -8.27 -27.75 -7.16
CA ALA B 75 -7.23 -28.43 -7.91
C ALA B 75 -6.02 -28.60 -7.00
N PRO B 76 -5.17 -29.58 -7.28
CA PRO B 76 -3.91 -29.67 -6.52
C PRO B 76 -3.05 -28.44 -6.75
N PHE B 77 -2.32 -28.04 -5.70
CA PHE B 77 -1.45 -26.89 -5.82
C PHE B 77 -0.45 -27.05 -6.96
N ASP B 78 -0.06 -28.28 -7.27
CA ASP B 78 0.82 -28.53 -8.42
C ASP B 78 0.23 -27.96 -9.70
N VAL B 79 -1.10 -28.08 -9.86
CA VAL B 79 -1.74 -27.54 -11.07
C VAL B 79 -1.59 -26.03 -11.11
N THR B 80 -1.81 -25.37 -9.96
CA THR B 80 -1.62 -23.92 -9.86
C THR B 80 -0.18 -23.53 -10.18
N MET B 81 0.80 -24.22 -9.58
CA MET B 81 2.20 -23.88 -9.81
C MET B 81 2.58 -24.07 -11.28
N LYS B 82 2.01 -25.08 -11.96
CA LYS B 82 2.38 -25.29 -13.35
C LYS B 82 1.76 -24.25 -14.26
N GLU B 83 0.61 -23.67 -13.88
CA GLU B 83 0.10 -22.54 -14.64
C GLU B 83 0.94 -21.29 -14.38
N LEU B 84 1.44 -21.13 -13.16
CA LEU B 84 2.42 -20.08 -12.89
C LEU B 84 3.63 -20.24 -13.82
N ARG B 85 4.15 -21.46 -13.94
CA ARG B 85 5.30 -21.69 -14.82
C ARG B 85 4.95 -21.54 -16.28
N SER B 86 3.79 -22.06 -16.69
CA SER B 86 3.52 -22.13 -18.13
C SER B 86 3.01 -20.81 -18.70
N SER B 87 2.27 -20.00 -17.92
CA SER B 87 1.52 -18.87 -18.47
C SER B 87 1.86 -17.53 -17.84
N VAL B 88 2.29 -17.49 -16.57
CA VAL B 88 2.64 -16.26 -15.87
C VAL B 88 4.09 -15.86 -16.12
N VAL B 89 5.03 -16.73 -15.68
CA VAL B 89 6.45 -16.43 -15.82
C VAL B 89 6.83 -15.96 -17.23
N PRO B 90 6.41 -16.66 -18.31
CA PRO B 90 6.83 -16.19 -19.65
C PRO B 90 6.29 -14.83 -20.02
N GLY B 91 5.27 -14.33 -19.31
CA GLY B 91 4.75 -13.01 -19.56
C GLY B 91 5.28 -11.93 -18.65
N MET B 92 6.24 -12.23 -17.79
CA MET B 92 6.77 -11.24 -16.87
C MET B 92 7.95 -10.50 -17.45
N THR B 93 8.14 -9.27 -16.97
CA THR B 93 9.40 -8.55 -17.09
C THR B 93 10.24 -8.87 -15.86
N HIS B 94 11.45 -9.43 -16.06
CA HIS B 94 12.21 -9.98 -14.94
C HIS B 94 13.03 -8.89 -14.30
N TRP B 95 12.37 -8.15 -13.40
CA TRP B 95 13.06 -7.19 -12.53
C TRP B 95 14.25 -7.82 -11.82
N ALA B 96 14.14 -9.11 -11.48
CA ALA B 96 15.22 -9.81 -10.78
C ALA B 96 16.37 -10.22 -11.70
N SER B 97 16.23 -10.06 -13.01
CA SER B 97 17.31 -10.43 -13.90
C SER B 97 18.56 -9.61 -13.62
N PRO B 98 19.74 -10.20 -13.71
CA PRO B 98 20.96 -9.37 -13.63
C PRO B 98 21.08 -8.43 -14.81
N ASN B 99 20.32 -8.65 -15.89
CA ASN B 99 20.35 -7.80 -17.08
C ASN B 99 19.17 -6.83 -17.12
N PHE B 100 18.49 -6.62 -16.00
CA PHE B 100 17.49 -5.55 -15.87
C PHE B 100 18.22 -4.24 -15.54
N PHE B 101 18.10 -3.25 -16.42
CA PHE B 101 18.84 -1.99 -16.28
C PHE B 101 17.93 -0.77 -16.27
N ALA B 102 16.64 -0.96 -15.98
CA ALA B 102 15.65 0.08 -16.20
C ALA B 102 15.21 0.74 -14.89
N PHE B 103 14.65 1.93 -15.02
CA PHE B 103 13.98 2.58 -13.90
C PHE B 103 14.91 2.67 -12.69
N PHE B 104 14.52 2.09 -11.56
CA PHE B 104 15.47 1.79 -10.51
C PHE B 104 15.26 0.34 -10.11
N PRO B 105 16.33 -0.40 -9.83
CA PRO B 105 16.17 -1.81 -9.49
C PRO B 105 15.44 -1.95 -8.17
N SER B 106 14.65 -3.02 -8.08
CA SER B 106 13.95 -3.35 -6.84
C SER B 106 14.81 -4.34 -6.09
N THR B 107 15.85 -3.81 -5.44
CA THR B 107 16.81 -4.68 -4.79
C THR B 107 16.12 -5.42 -3.65
N ASN B 108 16.66 -6.58 -3.32
CA ASN B 108 15.94 -7.56 -2.52
C ASN B 108 16.96 -8.41 -1.78
N SER B 109 16.47 -9.21 -0.83
CA SER B 109 17.38 -10.03 -0.05
C SER B 109 16.60 -11.19 0.55
N ALA B 110 17.33 -12.26 0.85
CA ALA B 110 16.72 -13.43 1.46
C ALA B 110 16.07 -13.08 2.80
N ALA B 111 16.70 -12.20 3.58
CA ALA B 111 16.13 -11.80 4.86
C ALA B 111 14.82 -11.05 4.66
N ALA B 112 14.74 -10.14 3.68
CA ALA B 112 13.52 -9.39 3.45
C ALA B 112 12.38 -10.31 3.01
N ILE B 113 12.68 -11.26 2.12
CA ILE B 113 11.66 -12.18 1.67
C ILE B 113 11.15 -13.01 2.85
N ALA B 114 12.09 -13.56 3.64
CA ALA B 114 11.69 -14.35 4.80
C ALA B 114 10.82 -13.54 5.75
N GLY B 115 11.20 -12.28 6.02
CA GLY B 115 10.40 -11.45 6.91
C GLY B 115 9.00 -11.17 6.38
N ASP B 116 8.88 -10.93 5.07
CA ASP B 116 7.55 -10.71 4.52
C ASP B 116 6.74 -12.00 4.47
N LEU B 117 7.40 -13.13 4.25
CA LEU B 117 6.73 -14.42 4.37
C LEU B 117 6.14 -14.60 5.77
N ILE B 118 6.95 -14.31 6.80
CA ILE B 118 6.50 -14.49 8.17
C ILE B 118 5.39 -13.51 8.52
N ALA B 119 5.49 -12.27 8.03
CA ALA B 119 4.41 -11.31 8.26
C ALA B 119 3.12 -11.78 7.58
N SER B 120 3.23 -12.35 6.37
CA SER B 120 2.04 -12.82 5.66
C SER B 120 1.34 -13.92 6.43
N ALA B 121 2.10 -14.74 7.17
CA ALA B 121 1.51 -15.88 7.85
C ALA B 121 0.91 -15.47 9.17
N MET B 122 1.59 -14.60 9.91
CA MET B 122 1.01 -14.05 11.12
C MET B 122 -0.18 -13.18 10.79
N ASN B 123 -0.07 -12.37 9.73
CA ASN B 123 -1.19 -11.65 9.15
C ASN B 123 -1.92 -10.77 10.16
N THR B 124 -1.17 -9.99 10.91
CA THR B 124 -1.74 -9.07 11.88
C THR B 124 -2.01 -7.72 11.22
N VAL B 125 -2.98 -6.99 11.78
CA VAL B 125 -3.36 -5.67 11.33
C VAL B 125 -3.06 -4.71 12.46
N GLY B 126 -2.10 -3.81 12.26
CA GLY B 126 -1.61 -3.00 13.35
C GLY B 126 -2.13 -1.58 13.39
N PHE B 127 -3.45 -1.40 13.30
CA PHE B 127 -3.98 -0.05 13.26
C PHE B 127 -3.92 0.65 14.60
N THR B 128 -3.70 -0.09 15.69
CA THR B 128 -3.33 0.51 16.98
C THR B 128 -2.19 -0.29 17.57
N TRP B 129 -1.52 0.31 18.56
CA TRP B 129 -0.51 -0.43 19.31
C TRP B 129 -1.12 -1.68 19.95
N GLN B 130 -2.30 -1.54 20.56
CA GLN B 130 -2.93 -2.69 21.19
C GLN B 130 -3.28 -3.78 20.18
N ALA B 131 -3.60 -3.40 18.94
CA ALA B 131 -3.94 -4.41 17.93
C ALA B 131 -2.76 -5.34 17.63
N SER B 132 -1.50 -4.92 17.95
CA SER B 132 -0.32 -5.78 18.02
C SER B 132 0.90 -4.98 18.49
N PRO B 133 1.19 -4.96 19.79
CA PRO B 133 2.30 -4.12 20.28
C PRO B 133 3.62 -4.36 19.57
N ALA B 134 3.98 -5.62 19.32
CA ALA B 134 5.26 -5.90 18.69
C ALA B 134 5.36 -5.29 17.30
N ALA B 135 4.26 -5.32 16.53
CA ALA B 135 4.30 -4.80 15.16
C ALA B 135 4.55 -3.31 15.15
N THR B 136 3.81 -2.56 15.99
CA THR B 136 4.04 -1.11 16.09
C THR B 136 5.44 -0.80 16.61
N GLU B 137 5.87 -1.48 17.67
CA GLU B 137 7.19 -1.20 18.23
C GLU B 137 8.29 -1.55 17.25
N MET B 138 8.14 -2.64 16.49
CA MET B 138 9.16 -2.98 15.51
C MET B 138 9.20 -1.99 14.35
N GLU B 139 8.04 -1.47 13.92
CA GLU B 139 8.06 -0.43 12.89
C GLU B 139 8.78 0.82 13.39
N VAL B 140 8.51 1.22 14.64
CA VAL B 140 9.19 2.36 15.21
C VAL B 140 10.68 2.07 15.33
N LEU B 141 11.02 0.85 15.77
CA LEU B 141 12.41 0.46 15.94
C LEU B 141 13.15 0.51 14.60
N ALA B 142 12.56 -0.11 13.57
CA ALA B 142 13.21 -0.13 12.27
C ALA B 142 13.39 1.29 11.73
N LEU B 143 12.39 2.16 11.94
CA LEU B 143 12.50 3.55 11.52
C LEU B 143 13.61 4.27 12.28
N ASP B 144 13.63 4.10 13.61
CA ASP B 144 14.67 4.76 14.41
C ASP B 144 16.06 4.25 14.04
N TRP B 145 16.19 2.95 13.77
CA TRP B 145 17.47 2.38 13.36
C TRP B 145 17.94 3.00 12.05
N LEU B 146 17.07 3.01 11.04
CA LEU B 146 17.44 3.57 9.74
C LEU B 146 17.71 5.07 9.83
N ALA B 147 16.96 5.79 10.69
CA ALA B 147 17.28 7.19 10.93
C ALA B 147 18.72 7.35 11.42
N GLN B 148 19.16 6.47 12.33
CA GLN B 148 20.55 6.53 12.77
C GLN B 148 21.51 6.25 11.63
N MET B 149 21.19 5.27 10.78
CA MET B 149 22.03 4.99 9.62
C MET B 149 22.15 6.20 8.69
N LEU B 150 21.06 6.95 8.52
CA LEU B 150 21.04 8.15 7.70
C LEU B 150 21.62 9.37 8.42
N ASN B 151 21.96 9.21 9.69
CA ASN B 151 22.39 10.32 10.53
C ASN B 151 21.36 11.45 10.50
N LEU B 152 20.11 11.08 10.70
CA LEU B 152 19.11 12.11 10.84
C LEU B 152 19.21 12.72 12.24
N PRO B 153 18.86 13.99 12.40
CA PRO B 153 18.81 14.56 13.75
C PRO B 153 17.75 13.90 14.61
N THR B 154 17.96 14.00 15.92
CA THR B 154 17.01 13.52 16.92
C THR B 154 15.60 14.07 16.71
N SER B 155 15.47 15.21 16.05
CA SER B 155 14.14 15.76 15.78
C SER B 155 13.31 14.89 14.85
N PHE B 156 13.90 13.87 14.22
CA PHE B 156 13.18 12.95 13.35
C PHE B 156 12.98 11.57 13.99
N MET B 157 13.32 11.41 15.26
CA MET B 157 13.35 10.09 15.87
C MET B 157 12.26 9.98 16.93
N ASN B 158 11.70 8.78 17.04
CA ASN B 158 10.69 8.51 18.05
C ASN B 158 11.34 8.24 19.41
N ARG B 159 12.11 7.15 19.49
CA ARG B 159 12.91 6.81 20.66
C ARG B 159 14.37 7.18 20.46
N THR B 160 15.01 7.51 21.55
CA THR B 160 16.40 7.87 21.60
C THR B 160 17.12 6.80 22.43
N GLY B 161 18.43 6.90 22.55
CA GLY B 161 19.15 5.95 23.39
C GLY B 161 18.59 5.81 24.80
N GLU B 162 18.47 6.91 25.53
CA GLU B 162 17.92 6.89 26.88
C GLU B 162 16.52 7.47 27.00
N GLY B 163 16.12 8.37 26.11
CA GLY B 163 14.83 9.02 26.22
C GLY B 163 14.06 8.97 24.91
N ARG B 164 13.43 10.10 24.59
CA ARG B 164 12.55 10.23 23.44
C ARG B 164 13.07 11.30 22.50
N GLY B 165 12.84 11.11 21.21
CA GLY B 165 13.09 12.17 20.26
C GLY B 165 11.88 13.08 20.20
N THR B 166 11.96 14.09 19.32
CA THR B 166 10.82 14.95 19.07
C THR B 166 10.14 14.68 17.73
N GLY B 167 10.57 13.65 17.01
CA GLY B 167 9.98 13.35 15.72
C GLY B 167 9.35 11.98 15.64
N GLY B 168 9.26 11.45 14.44
CA GLY B 168 8.55 10.19 14.25
C GLY B 168 8.64 9.76 12.80
N GLY B 169 8.15 8.55 12.57
CA GLY B 169 8.19 7.97 11.25
C GLY B 169 7.01 7.05 11.07
N VAL B 170 6.78 6.68 9.81
CA VAL B 170 5.79 5.68 9.48
C VAL B 170 6.26 4.98 8.22
N ILE B 171 6.02 3.67 8.14
CA ILE B 171 6.38 2.89 6.96
C ILE B 171 5.16 2.85 6.06
N LEU B 172 5.24 3.58 4.94
CA LEU B 172 4.15 3.69 4.00
C LEU B 172 4.36 2.73 2.82
N GLY B 173 3.37 2.71 1.91
CA GLY B 173 3.48 1.87 0.74
C GLY B 173 4.25 2.51 -0.41
N THR B 174 4.15 3.82 -0.57
CA THR B 174 4.76 4.48 -1.72
C THR B 174 5.28 5.86 -1.32
N THR B 175 6.21 6.36 -2.13
CA THR B 175 6.63 7.75 -2.04
C THR B 175 5.45 8.71 -2.28
N SER B 176 4.54 8.34 -3.20
CA SER B 176 3.37 9.18 -3.46
C SER B 176 2.54 9.34 -2.20
N GLU B 177 2.33 8.24 -1.46
CA GLU B 177 1.59 8.34 -0.21
C GLU B 177 2.31 9.25 0.78
N ALA B 178 3.66 9.20 0.81
CA ALA B 178 4.42 10.11 1.66
C ALA B 178 4.18 11.56 1.27
N MET B 179 4.18 11.83 -0.04
CA MET B 179 3.90 13.17 -0.54
C MET B 179 2.49 13.61 -0.15
N LEU B 180 1.49 12.77 -0.38
CA LEU B 180 0.12 13.18 -0.11
C LEU B 180 -0.04 13.60 1.35
N VAL B 181 0.38 12.75 2.29
CA VAL B 181 0.06 13.00 3.70
C VAL B 181 0.84 14.19 4.24
N THR B 182 2.05 14.45 3.73
CA THR B 182 2.72 15.67 4.14
C THR B 182 2.11 16.88 3.44
N LEU B 183 1.62 16.71 2.21
CA LEU B 183 0.90 17.80 1.54
C LEU B 183 -0.35 18.19 2.32
N VAL B 184 -1.09 17.18 2.80
CA VAL B 184 -2.31 17.44 3.56
C VAL B 184 -2.00 18.18 4.85
N ALA B 185 -0.99 17.71 5.60
CA ALA B 185 -0.60 18.38 6.83
C ALA B 185 -0.18 19.81 6.56
N ALA B 186 0.62 20.04 5.51
CA ALA B 186 1.04 21.39 5.18
C ALA B 186 -0.15 22.24 4.73
N ARG B 187 -1.10 21.60 4.03
CA ARG B 187 -2.29 22.31 3.55
C ARG B 187 -3.10 22.83 4.73
N ASP B 188 -3.46 21.93 5.66
CA ASP B 188 -4.26 22.32 6.82
C ASP B 188 -3.52 23.31 7.71
N ALA B 189 -2.20 23.21 7.81
CA ALA B 189 -1.47 24.17 8.63
C ALA B 189 -1.47 25.55 8.00
N ALA B 190 -1.29 25.62 6.68
CA ALA B 190 -1.37 26.92 6.00
C ALA B 190 -2.80 27.47 6.00
N LEU B 191 -3.81 26.61 5.98
CA LEU B 191 -5.17 27.12 6.01
C LEU B 191 -5.45 27.79 7.35
N ARG B 192 -4.93 27.24 8.44
CA ARG B 192 -5.09 27.88 9.75
C ARG B 192 -4.26 29.15 9.84
N ARG B 193 -3.00 29.10 9.38
CA ARG B 193 -2.17 30.31 9.42
C ARG B 193 -2.79 31.47 8.65
N SER B 194 -3.54 31.19 7.59
CA SER B 194 -4.05 32.24 6.73
C SER B 194 -5.48 32.63 7.07
N GLY B 195 -6.01 32.11 8.17
CA GLY B 195 -7.35 32.48 8.61
C GLY B 195 -8.46 31.93 7.74
N SER B 196 -8.21 30.83 7.04
CA SER B 196 -9.22 30.24 6.19
C SER B 196 -10.37 29.68 7.03
N ASP B 197 -11.59 29.97 6.61
CA ASP B 197 -12.75 29.29 7.17
C ASP B 197 -12.87 27.95 6.46
N GLY B 198 -12.39 26.89 7.11
CA GLY B 198 -12.37 25.58 6.46
C GLY B 198 -11.52 25.66 5.22
N VAL B 199 -12.04 25.14 4.11
CA VAL B 199 -11.24 25.05 2.90
C VAL B 199 -11.52 26.25 2.00
N ALA B 200 -12.26 27.23 2.52
CA ALA B 200 -12.65 28.38 1.70
C ALA B 200 -11.45 29.12 1.13
N GLY B 201 -10.33 29.19 1.85
CA GLY B 201 -9.14 29.81 1.33
C GLY B 201 -8.16 28.89 0.62
N LEU B 202 -8.59 27.66 0.31
CA LEU B 202 -7.71 26.70 -0.33
C LEU B 202 -7.17 27.20 -1.66
N HIS B 203 -7.97 27.96 -2.41
CA HIS B 203 -7.54 28.51 -3.70
C HIS B 203 -6.42 29.55 -3.57
N ARG B 204 -6.06 29.96 -2.36
CA ARG B 204 -4.92 30.86 -2.19
C ARG B 204 -3.60 30.15 -1.93
N LEU B 205 -3.60 28.83 -1.69
CA LEU B 205 -2.39 28.11 -1.33
C LEU B 205 -1.61 27.66 -2.56
N ALA B 206 -0.30 27.89 -2.55
CA ALA B 206 0.57 27.54 -3.67
C ALA B 206 1.65 26.54 -3.25
N VAL B 207 2.10 25.71 -4.19
CA VAL B 207 3.06 24.64 -3.94
C VAL B 207 4.11 24.61 -5.05
N TYR B 208 5.31 24.10 -4.73
CA TYR B 208 6.48 24.31 -5.56
C TYR B 208 7.35 23.05 -5.62
N ALA B 209 7.88 22.78 -6.80
CA ALA B 209 8.94 21.79 -6.95
C ALA B 209 9.62 22.05 -8.28
N ALA B 210 10.85 21.57 -8.40
CA ALA B 210 11.57 21.62 -9.66
C ALA B 210 10.86 20.75 -10.69
N ASP B 211 11.09 21.05 -11.97
CA ASP B 211 10.42 20.30 -13.02
C ASP B 211 10.96 18.87 -13.16
N GLN B 212 12.06 18.55 -12.49
CA GLN B 212 12.59 17.19 -12.44
C GLN B 212 12.00 16.36 -11.30
N THR B 213 11.27 16.99 -10.38
CA THR B 213 10.58 16.23 -9.35
C THR B 213 9.54 15.34 -10.02
N HIS B 214 9.33 14.15 -9.45
CA HIS B 214 8.48 13.16 -10.10
C HIS B 214 7.08 13.71 -10.35
N SER B 215 6.51 13.35 -11.50
CA SER B 215 5.16 13.82 -11.83
C SER B 215 4.11 13.32 -10.84
N THR B 216 4.39 12.26 -10.09
CA THR B 216 3.44 11.82 -9.09
C THR B 216 3.32 12.83 -7.95
N PHE B 217 4.30 13.72 -7.79
CA PHE B 217 4.18 14.74 -6.76
C PHE B 217 3.15 15.80 -7.16
N PHE B 218 3.18 16.27 -8.41
CA PHE B 218 2.17 17.22 -8.85
C PHE B 218 0.79 16.60 -8.84
N LYS B 219 0.70 15.30 -9.16
CA LYS B 219 -0.57 14.58 -9.00
C LYS B 219 -1.01 14.57 -7.54
N ALA B 220 -0.07 14.27 -6.61
CA ALA B 220 -0.43 14.31 -5.20
C ALA B 220 -0.97 15.69 -4.80
N CYS B 221 -0.33 16.76 -5.30
CA CYS B 221 -0.81 18.12 -5.08
C CYS B 221 -2.27 18.28 -5.49
N ARG B 222 -2.62 17.76 -6.68
CA ARG B 222 -4.00 17.86 -7.14
C ARG B 222 -4.92 16.99 -6.28
N LEU B 223 -4.46 15.80 -5.87
CA LEU B 223 -5.28 14.95 -5.01
C LEU B 223 -5.63 15.66 -3.72
N ALA B 224 -4.68 16.40 -3.14
CA ALA B 224 -4.89 17.11 -1.90
C ALA B 224 -5.79 18.34 -2.04
N GLY B 225 -6.18 18.70 -3.26
CA GLY B 225 -7.07 19.82 -3.48
C GLY B 225 -6.40 21.14 -3.78
N PHE B 226 -5.10 21.15 -4.01
CA PHE B 226 -4.46 22.39 -4.46
C PHE B 226 -4.97 22.77 -5.85
N ASP B 227 -5.00 24.07 -6.11
CA ASP B 227 -5.49 24.57 -7.38
C ASP B 227 -4.45 24.34 -8.47
N PRO B 228 -4.83 23.75 -9.62
CA PRO B 228 -3.88 23.63 -10.75
C PRO B 228 -3.14 24.92 -11.08
N ALA B 229 -3.78 26.08 -10.91
CA ALA B 229 -3.13 27.35 -11.20
C ALA B 229 -2.01 27.69 -10.22
N ASN B 230 -2.00 27.07 -9.03
CA ASN B 230 -1.03 27.41 -8.00
C ASN B 230 -0.03 26.29 -7.74
N ILE B 231 0.02 25.29 -8.61
CA ILE B 231 1.00 24.20 -8.52
C ILE B 231 2.13 24.56 -9.45
N ARG B 232 3.32 24.79 -8.90
CA ARG B 232 4.44 25.37 -9.65
C ARG B 232 5.47 24.31 -9.96
N SER B 233 5.77 24.15 -11.24
CA SER B 233 6.89 23.35 -11.73
C SER B 233 8.01 24.33 -12.10
N ILE B 234 9.09 24.35 -11.33
CA ILE B 234 10.16 25.32 -11.55
C ILE B 234 11.10 24.80 -12.64
N PRO B 235 11.26 25.52 -13.76
CA PRO B 235 12.19 25.07 -14.79
C PRO B 235 13.60 24.90 -14.24
N THR B 236 14.28 23.85 -14.68
CA THR B 236 15.69 23.65 -14.39
C THR B 236 16.44 23.57 -15.72
N GLY B 237 17.74 23.83 -15.66
CA GLY B 237 18.59 23.74 -16.84
C GLY B 237 19.89 23.05 -16.53
N ALA B 238 20.70 22.87 -17.58
CA ALA B 238 21.97 22.16 -17.43
C ALA B 238 22.99 22.95 -16.62
N GLU B 239 22.79 24.26 -16.42
CA GLU B 239 23.79 25.02 -15.69
C GLU B 239 23.81 24.66 -14.21
N THR B 240 22.77 24.00 -13.70
CA THR B 240 22.74 23.47 -12.34
C THR B 240 22.72 21.95 -12.33
N ASP B 241 23.13 21.32 -13.44
CA ASP B 241 22.94 19.89 -13.67
C ASP B 241 21.52 19.47 -13.30
N TYR B 242 20.57 20.34 -13.65
CA TYR B 242 19.13 20.13 -13.51
C TYR B 242 18.69 20.01 -12.06
N GLY B 243 19.54 20.41 -11.11
CA GLY B 243 19.05 20.65 -9.76
C GLY B 243 18.31 21.98 -9.64
N LEU B 244 17.43 22.07 -8.65
CA LEU B 244 16.62 23.28 -8.50
C LEU B 244 17.50 24.47 -8.13
N ASP B 245 17.32 25.58 -8.85
CA ASP B 245 18.00 26.82 -8.50
C ASP B 245 17.26 27.49 -7.34
N PRO B 246 17.88 27.63 -6.17
CA PRO B 246 17.19 28.25 -5.04
C PRO B 246 16.74 29.66 -5.33
N ALA B 247 17.46 30.38 -6.19
CA ALA B 247 17.08 31.74 -6.55
C ALA B 247 15.78 31.75 -7.34
N ARG B 248 15.66 30.85 -8.32
CA ARG B 248 14.39 30.73 -9.05
C ARG B 248 13.25 30.32 -8.12
N LEU B 249 13.54 29.53 -7.08
CA LEU B 249 12.49 29.17 -6.13
C LEU B 249 12.02 30.41 -5.36
N LEU B 250 12.96 31.15 -4.77
CA LEU B 250 12.63 32.39 -4.06
C LEU B 250 11.87 33.36 -4.97
N GLU B 251 12.32 33.51 -6.21
CA GLU B 251 11.63 34.40 -7.13
C GLU B 251 10.18 33.98 -7.31
N ALA B 252 9.92 32.67 -7.45
CA ALA B 252 8.56 32.19 -7.63
C ALA B 252 7.74 32.33 -6.35
N MET B 253 8.34 32.04 -5.20
CA MET B 253 7.58 32.11 -3.95
C MET B 253 7.31 33.55 -3.55
N GLN B 254 8.26 34.44 -3.81
CA GLN B 254 8.05 35.86 -3.51
C GLN B 254 6.93 36.43 -4.36
N ALA B 255 6.96 36.14 -5.66
CA ALA B 255 5.91 36.67 -6.55
C ALA B 255 4.54 36.22 -6.10
N ASP B 256 4.42 34.97 -5.61
CA ASP B 256 3.12 34.49 -5.12
C ASP B 256 2.73 35.20 -3.83
N ALA B 257 3.68 35.38 -2.92
CA ALA B 257 3.40 36.10 -1.69
C ALA B 257 2.99 37.54 -1.98
N ASP B 258 3.71 38.20 -2.91
CA ASP B 258 3.39 39.57 -3.27
C ASP B 258 1.99 39.69 -3.86
N ALA B 259 1.51 38.64 -4.51
CA ALA B 259 0.21 38.66 -5.17
C ALA B 259 -0.93 38.21 -4.27
N GLY B 260 -0.69 37.96 -3.00
CA GLY B 260 -1.75 37.53 -2.11
C GLY B 260 -1.91 36.03 -1.92
N LEU B 261 -1.10 35.21 -2.60
CA LEU B 261 -1.14 33.76 -2.46
C LEU B 261 -0.30 33.33 -1.26
N VAL B 262 -0.55 32.11 -0.79
CA VAL B 262 0.16 31.61 0.40
C VAL B 262 1.10 30.46 0.04
N PRO B 263 2.41 30.70 -0.09
CA PRO B 263 3.34 29.59 -0.34
C PRO B 263 3.30 28.58 0.79
N THR B 264 2.92 27.34 0.44
CA THR B 264 2.54 26.34 1.42
C THR B 264 3.51 25.16 1.54
N TYR B 265 4.24 24.81 0.48
CA TYR B 265 4.96 23.54 0.50
C TYR B 265 5.97 23.54 -0.64
N VAL B 266 7.18 23.05 -0.35
CA VAL B 266 8.21 22.85 -1.36
C VAL B 266 8.70 21.43 -1.24
N CYS B 267 8.78 20.73 -2.37
CA CYS B 267 9.38 19.40 -2.42
C CYS B 267 10.74 19.54 -3.05
N ALA B 268 11.77 19.13 -2.32
CA ALA B 268 13.12 19.03 -2.84
C ALA B 268 13.46 17.57 -3.06
N THR B 269 14.10 17.27 -4.18
CA THR B 269 14.39 15.88 -4.50
C THR B 269 15.90 15.66 -4.49
N VAL B 270 16.33 14.63 -3.77
CA VAL B 270 17.72 14.18 -3.78
C VAL B 270 17.74 12.91 -4.64
N GLY B 271 18.21 13.03 -5.87
CA GLY B 271 18.30 11.91 -6.78
C GLY B 271 17.06 11.75 -7.64
N THR B 272 16.87 12.66 -8.58
CA THR B 272 15.65 12.63 -9.38
C THR B 272 15.57 11.36 -10.22
N THR B 273 14.35 11.04 -10.63
CA THR B 273 14.09 9.80 -11.38
C THR B 273 14.77 9.85 -12.74
N SER B 274 14.64 10.96 -13.45
CA SER B 274 15.12 10.99 -14.82
C SER B 274 16.64 10.92 -14.89
N SER B 275 17.34 11.80 -14.17
CA SER B 275 18.78 11.89 -14.31
C SER B 275 19.53 11.94 -12.97
N ASN B 276 18.86 11.65 -11.85
CA ASN B 276 19.51 11.65 -10.54
C ASN B 276 20.12 13.01 -10.23
N ALA B 277 19.41 14.07 -10.60
CA ALA B 277 19.80 15.39 -10.13
C ALA B 277 19.59 15.50 -8.63
N VAL B 278 20.25 16.48 -8.01
CA VAL B 278 20.17 16.70 -6.57
C VAL B 278 19.81 18.16 -6.32
N ASP B 279 18.66 18.39 -5.67
CA ASP B 279 18.29 19.72 -5.24
C ASP B 279 19.05 20.06 -3.95
N PRO B 280 19.49 21.34 -3.79
CA PRO B 280 20.22 21.72 -2.57
C PRO B 280 19.28 21.87 -1.38
N VAL B 281 19.31 20.90 -0.49
CA VAL B 281 18.29 20.79 0.55
C VAL B 281 18.36 21.99 1.50
N GLY B 282 19.56 22.32 1.98
CA GLY B 282 19.70 23.42 2.91
C GLY B 282 19.29 24.75 2.31
N ALA B 283 19.77 25.03 1.10
CA ALA B 283 19.38 26.28 0.44
C ALA B 283 17.86 26.34 0.24
N VAL B 284 17.24 25.22 -0.14
CA VAL B 284 15.80 25.21 -0.34
C VAL B 284 15.06 25.44 0.98
N ALA B 285 15.59 24.88 2.08
CA ALA B 285 14.93 25.06 3.37
C ALA B 285 14.98 26.52 3.81
N ASP B 286 16.13 27.18 3.62
CA ASP B 286 16.28 28.58 4.00
C ASP B 286 15.34 29.47 3.18
N VAL B 287 15.25 29.21 1.88
CA VAL B 287 14.37 30.03 1.05
C VAL B 287 12.92 29.83 1.47
N ALA B 288 12.52 28.59 1.74
CA ALA B 288 11.14 28.35 2.14
C ALA B 288 10.84 28.91 3.52
N ALA B 289 11.87 29.05 4.37
CA ALA B 289 11.65 29.55 5.72
C ALA B 289 11.16 30.99 5.73
N ARG B 290 11.50 31.77 4.69
CA ARG B 290 10.98 33.13 4.56
C ARG B 290 9.45 33.17 4.60
N PHE B 291 8.80 32.10 4.17
CA PHE B 291 7.34 32.08 4.03
C PHE B 291 6.68 31.07 4.95
N ALA B 292 7.44 30.46 5.86
CA ALA B 292 6.92 29.43 6.76
C ALA B 292 6.36 28.24 6.00
N ALA B 293 6.88 27.99 4.79
CA ALA B 293 6.38 26.89 3.97
C ALA B 293 6.99 25.56 4.42
N TRP B 294 6.17 24.50 4.34
CA TRP B 294 6.63 23.14 4.62
C TRP B 294 7.62 22.69 3.56
N VAL B 295 8.67 22.01 3.99
CA VAL B 295 9.69 21.47 3.07
C VAL B 295 9.78 19.96 3.24
N HIS B 296 9.46 19.23 2.19
CA HIS B 296 9.61 17.78 2.18
C HIS B 296 10.78 17.43 1.27
N VAL B 297 11.62 16.51 1.73
CA VAL B 297 12.72 16.00 0.92
C VAL B 297 12.35 14.60 0.44
N ASP B 298 12.26 14.44 -0.88
CA ASP B 298 12.05 13.15 -1.50
C ASP B 298 13.42 12.59 -1.89
N ALA B 299 13.80 11.49 -1.27
CA ALA B 299 15.03 10.78 -1.60
C ALA B 299 14.74 9.30 -1.80
N ALA B 300 13.59 9.03 -2.44
CA ALA B 300 13.10 7.68 -2.66
C ALA B 300 14.18 6.67 -3.03
N TYR B 301 15.01 7.02 -4.03
CA TYR B 301 16.05 6.11 -4.50
C TYR B 301 17.37 6.40 -3.81
N ALA B 302 17.87 7.64 -3.94
CA ALA B 302 19.22 7.96 -3.49
C ALA B 302 19.35 8.04 -1.98
N GLY B 303 18.23 8.19 -1.25
CA GLY B 303 18.30 8.20 0.20
C GLY B 303 19.09 7.04 0.78
N SER B 304 18.91 5.84 0.21
CA SER B 304 19.61 4.65 0.69
C SER B 304 21.11 4.84 0.69
N ALA B 305 21.64 5.52 -0.32
CA ALA B 305 23.08 5.77 -0.38
C ALA B 305 23.57 6.66 0.76
N CYS B 306 22.68 7.46 1.34
CA CYS B 306 23.07 8.41 2.37
C CYS B 306 23.38 7.75 3.71
N ILE B 307 23.27 6.42 3.81
CA ILE B 307 23.84 5.74 4.97
C ILE B 307 25.36 5.66 4.88
N CYS B 308 25.94 6.08 3.76
CA CYS B 308 27.38 6.13 3.60
C CYS B 308 27.87 7.56 3.74
N PRO B 309 28.95 7.75 4.51
CA PRO B 309 29.39 9.12 4.83
C PRO B 309 29.71 9.95 3.60
N GLU B 310 30.21 9.34 2.52
CA GLU B 310 30.57 10.09 1.33
C GLU B 310 29.37 10.49 0.46
N PHE B 311 28.15 10.06 0.82
CA PHE B 311 26.94 10.54 0.16
C PHE B 311 26.07 11.39 1.09
N ARG B 312 26.38 11.40 2.39
CA ARG B 312 25.50 12.00 3.39
C ARG B 312 25.42 13.53 3.27
N HIS B 313 26.41 14.16 2.63
CA HIS B 313 26.33 15.59 2.42
C HIS B 313 25.14 15.99 1.58
N HIS B 314 24.63 15.09 0.73
CA HIS B 314 23.45 15.39 -0.06
C HIS B 314 22.25 15.75 0.81
N LEU B 315 22.21 15.28 2.07
CA LEU B 315 21.12 15.58 2.97
C LEU B 315 21.45 16.71 3.94
N ASP B 316 22.54 17.45 3.72
CA ASP B 316 22.90 18.55 4.61
C ASP B 316 21.82 19.62 4.59
N GLY B 317 21.30 19.95 5.77
CA GLY B 317 20.18 20.85 5.87
C GLY B 317 18.88 20.17 6.21
N VAL B 318 18.82 18.84 6.11
CA VAL B 318 17.65 18.06 6.50
C VAL B 318 17.18 18.45 7.89
N GLU B 319 18.11 18.91 8.74
CA GLU B 319 17.73 19.32 10.09
C GLU B 319 16.77 20.50 10.09
N ARG B 320 16.71 21.27 9.00
CA ARG B 320 15.81 22.42 8.89
C ARG B 320 14.55 22.12 8.08
N VAL B 321 14.39 20.91 7.53
CA VAL B 321 13.19 20.61 6.75
C VAL B 321 12.15 19.97 7.65
N ASP B 322 10.92 19.84 7.16
CA ASP B 322 9.82 19.30 7.94
C ASP B 322 9.66 17.80 7.78
N SER B 323 10.00 17.24 6.63
CA SER B 323 9.79 15.81 6.45
C SER B 323 10.78 15.30 5.42
N ILE B 324 11.00 13.99 5.46
CA ILE B 324 11.87 13.35 4.48
C ILE B 324 11.41 11.90 4.31
N SER B 325 11.44 11.43 3.07
CA SER B 325 11.09 10.06 2.78
C SER B 325 12.13 9.44 1.87
N MET B 326 12.25 8.12 1.99
CA MET B 326 13.07 7.33 1.10
C MET B 326 12.50 5.92 1.13
N SER B 327 12.88 5.12 0.13
CA SER B 327 12.23 3.83 -0.11
C SER B 327 13.26 2.71 -0.06
N PRO B 328 13.31 1.95 1.04
CA PRO B 328 14.17 0.75 1.04
C PRO B 328 13.80 -0.25 -0.04
N HIS B 329 12.54 -0.25 -0.49
CA HIS B 329 12.16 -1.17 -1.57
C HIS B 329 12.72 -0.77 -2.93
N LYS B 330 13.46 0.33 -3.03
CA LYS B 330 14.35 0.49 -4.17
C LYS B 330 15.75 -0.02 -3.84
N TRP B 331 16.54 0.74 -3.09
CA TRP B 331 17.98 0.52 -3.01
C TRP B 331 18.46 0.03 -1.64
N LEU B 332 17.57 -0.53 -0.82
CA LEU B 332 18.00 -1.12 0.46
C LEU B 332 17.48 -2.54 0.65
N MET B 333 17.38 -3.32 -0.43
CA MET B 333 17.28 -4.78 -0.35
C MET B 333 16.05 -5.26 0.41
N THR B 334 14.99 -4.47 0.38
CA THR B 334 13.76 -4.79 1.07
C THR B 334 12.63 -4.83 0.05
N CYS B 335 12.04 -6.00 -0.16
CA CYS B 335 11.03 -6.11 -1.21
C CYS B 335 9.84 -5.18 -0.93
N LEU B 336 9.12 -4.82 -2.00
CA LEU B 336 7.94 -3.98 -1.86
C LEU B 336 6.92 -4.62 -0.92
N ASP B 337 6.16 -3.79 -0.18
CA ASP B 337 6.28 -2.34 -0.15
C ASP B 337 7.05 -1.90 1.08
N CYS B 338 7.88 -0.87 0.93
CA CYS B 338 8.54 -0.28 2.09
C CYS B 338 9.02 1.12 1.73
N THR B 339 8.24 2.14 2.11
CA THR B 339 8.64 3.53 1.99
C THR B 339 8.64 4.14 3.40
N CYS B 340 9.77 4.71 3.79
CA CYS B 340 9.91 5.28 5.13
C CYS B 340 9.72 6.79 5.08
N LEU B 341 8.76 7.29 5.83
CA LEU B 341 8.52 8.73 5.97
C LEU B 341 8.94 9.17 7.36
N TYR B 342 9.76 10.22 7.43
CA TYR B 342 10.15 10.83 8.70
C TYR B 342 9.61 12.26 8.77
N VAL B 343 9.11 12.66 9.93
CA VAL B 343 8.57 14.00 10.14
C VAL B 343 9.26 14.61 11.36
N ARG B 344 9.75 15.84 11.19
CA ARG B 344 10.37 16.61 12.26
C ARG B 344 9.32 17.15 13.23
N ASP B 345 9.69 17.20 14.51
CA ASP B 345 8.95 17.90 15.56
C ASP B 345 7.45 17.67 15.44
N THR B 346 7.11 16.39 15.56
CA THR B 346 5.78 15.87 15.32
C THR B 346 4.70 16.50 16.21
N HIS B 347 5.10 17.31 17.20
CA HIS B 347 4.14 17.92 18.13
C HIS B 347 3.29 19.03 17.51
N ARG B 348 3.62 19.50 16.30
CA ARG B 348 2.77 20.48 15.62
C ARG B 348 1.58 19.84 14.91
N LEU B 349 1.58 18.52 14.74
CA LEU B 349 0.46 17.83 14.12
C LEU B 349 -0.72 17.66 15.08
N GLY B 368 6.93 6.05 27.75
CA GLY B 368 5.51 6.26 27.53
C GLY B 368 4.96 5.42 26.38
N GLU B 369 3.95 5.95 25.70
CA GLU B 369 3.40 5.29 24.53
C GLU B 369 4.38 5.35 23.37
N VAL B 370 4.54 4.22 22.67
CA VAL B 370 5.47 4.09 21.55
C VAL B 370 4.63 3.75 20.33
N THR B 371 4.42 4.74 19.45
CA THR B 371 3.59 4.54 18.27
C THR B 371 4.20 5.28 17.09
N ASP B 372 4.06 4.70 15.90
CA ASP B 372 4.36 5.41 14.67
C ASP B 372 3.23 6.40 14.36
N LEU B 373 3.45 7.26 13.36
CA LEU B 373 2.45 8.24 12.93
C LEU B 373 1.42 7.56 12.03
N LYS B 374 0.62 6.68 12.65
CA LYS B 374 -0.37 5.92 11.90
C LYS B 374 -1.40 6.83 11.24
N ASP B 375 -1.53 8.08 11.68
CA ASP B 375 -2.51 8.96 11.08
C ASP B 375 -1.97 9.69 9.85
N MET B 376 -0.65 9.68 9.64
CA MET B 376 -0.06 10.21 8.41
C MET B 376 0.14 9.05 7.44
N GLN B 377 -1.00 8.55 6.96
CA GLN B 377 -1.12 7.30 6.27
C GLN B 377 -2.49 7.31 5.58
N VAL B 378 -2.55 6.90 4.32
CA VAL B 378 -3.84 6.94 3.62
C VAL B 378 -4.88 6.11 4.36
N GLY B 379 -4.61 4.82 4.52
CA GLY B 379 -5.47 3.99 5.34
C GLY B 379 -4.70 3.33 6.47
N VAL B 380 -5.06 3.62 7.71
CA VAL B 380 -4.56 2.80 8.82
C VAL B 380 -5.29 1.47 8.76
N GLY B 381 -4.56 0.39 8.96
CA GLY B 381 -5.12 -0.92 8.72
C GLY B 381 -4.43 -1.62 7.56
N ARG B 382 -3.12 -1.88 7.71
CA ARG B 382 -2.37 -2.60 6.69
C ARG B 382 -1.32 -3.48 7.38
N ARG B 383 -0.57 -4.22 6.56
CA ARG B 383 0.23 -5.32 7.08
C ARG B 383 1.48 -4.83 7.82
N PHE B 384 2.13 -5.80 8.45
CA PHE B 384 3.32 -5.62 9.28
C PHE B 384 4.54 -5.45 8.36
N ARG B 385 4.68 -4.23 7.81
CA ARG B 385 5.81 -3.96 6.92
C ARG B 385 7.15 -3.88 7.66
N GLY B 386 7.16 -3.69 8.99
CA GLY B 386 8.41 -3.43 9.68
C GLY B 386 9.29 -4.65 9.86
N LEU B 387 8.70 -5.84 9.88
CA LEU B 387 9.45 -7.03 10.23
C LEU B 387 10.58 -7.31 9.23
N LYS B 388 10.32 -7.12 7.93
CA LYS B 388 11.34 -7.41 6.93
C LYS B 388 12.45 -6.37 6.94
N LEU B 389 12.12 -5.12 7.28
CA LEU B 389 13.15 -4.07 7.31
C LEU B 389 14.09 -4.29 8.48
N TRP B 390 13.54 -4.67 9.64
CA TRP B 390 14.36 -5.03 10.78
C TRP B 390 15.24 -6.22 10.46
N MET B 391 14.66 -7.27 9.86
CA MET B 391 15.45 -8.48 9.55
C MET B 391 16.60 -8.16 8.60
N VAL B 392 16.38 -7.25 7.64
CA VAL B 392 17.46 -6.83 6.76
C VAL B 392 18.59 -6.22 7.58
N MET B 393 18.27 -5.29 8.47
CA MET B 393 19.30 -4.60 9.25
C MET B 393 19.95 -5.53 10.27
N ARG B 394 19.16 -6.41 10.89
CA ARG B 394 19.68 -7.26 11.96
C ARG B 394 20.54 -8.38 11.39
N THR B 395 20.13 -8.97 10.27
CA THR B 395 20.89 -10.07 9.69
C THR B 395 22.19 -9.58 9.03
N TYR B 396 22.13 -8.47 8.30
CA TYR B 396 23.31 -8.07 7.52
C TYR B 396 24.17 -7.01 8.19
N GLY B 397 23.59 -6.15 9.02
CA GLY B 397 24.36 -5.13 9.70
C GLY B 397 24.67 -3.93 8.82
N VAL B 398 25.05 -2.84 9.47
CA VAL B 398 25.25 -1.57 8.77
C VAL B 398 26.37 -1.71 7.74
N ALA B 399 27.46 -2.38 8.10
CA ALA B 399 28.63 -2.37 7.22
C ALA B 399 28.31 -3.05 5.89
N LYS B 400 27.57 -4.16 5.92
CA LYS B 400 27.23 -4.82 4.66
C LYS B 400 26.23 -3.99 3.87
N LEU B 401 25.32 -3.29 4.55
CA LEU B 401 24.41 -2.41 3.84
C LEU B 401 25.19 -1.31 3.12
N GLN B 402 26.22 -0.76 3.77
CA GLN B 402 27.03 0.28 3.15
C GLN B 402 27.84 -0.26 1.97
N GLU B 403 28.43 -1.44 2.13
CA GLU B 403 29.19 -1.98 1.01
C GLU B 403 28.29 -2.37 -0.16
N HIS B 404 27.02 -2.72 0.12
CA HIS B 404 26.06 -2.93 -0.96
C HIS B 404 25.86 -1.65 -1.78
N ILE B 405 25.76 -0.50 -1.11
CA ILE B 405 25.68 0.78 -1.82
C ILE B 405 26.97 1.04 -2.60
N ARG B 406 28.12 0.88 -1.94
CA ARG B 406 29.39 1.25 -2.56
C ARG B 406 29.72 0.38 -3.76
N SER B 407 29.39 -0.91 -3.70
CA SER B 407 29.74 -1.79 -4.82
C SER B 407 28.83 -1.53 -6.03
N ASP B 408 27.56 -1.18 -5.80
CA ASP B 408 26.69 -0.74 -6.90
C ASP B 408 27.21 0.53 -7.54
N VAL B 409 27.59 1.52 -6.73
CA VAL B 409 28.18 2.75 -7.25
C VAL B 409 29.43 2.44 -8.06
N ALA B 410 30.28 1.52 -7.56
CA ALA B 410 31.53 1.20 -8.25
C ALA B 410 31.27 0.56 -9.61
N MET B 411 30.27 -0.32 -9.69
CA MET B 411 29.87 -0.87 -10.99
C MET B 411 29.35 0.23 -11.91
N ALA B 412 28.61 1.18 -11.35
CA ALA B 412 28.12 2.32 -12.14
C ALA B 412 29.29 3.14 -12.67
N LYS B 413 30.32 3.34 -11.85
CA LYS B 413 31.49 4.07 -12.31
C LYS B 413 32.24 3.32 -13.40
N VAL B 414 32.29 1.98 -13.28
CA VAL B 414 32.92 1.17 -14.32
C VAL B 414 32.24 1.42 -15.66
N PHE B 415 30.90 1.40 -15.65
CA PHE B 415 30.13 1.63 -16.87
C PHE B 415 30.33 3.05 -17.38
N GLU B 416 30.17 4.04 -16.48
CA GLU B 416 30.37 5.44 -16.87
C GLU B 416 31.73 5.66 -17.54
N ASP B 417 32.78 5.05 -16.99
CA ASP B 417 34.11 5.23 -17.56
C ASP B 417 34.25 4.51 -18.91
N LEU B 418 33.59 3.37 -19.09
CA LEU B 418 33.56 2.74 -20.41
C LEU B 418 32.87 3.64 -21.44
N VAL B 419 31.73 4.24 -21.09
CA VAL B 419 31.04 5.14 -22.01
C VAL B 419 31.93 6.32 -22.37
N ARG B 420 32.59 6.91 -21.36
CA ARG B 420 33.48 8.05 -21.57
C ARG B 420 34.69 7.70 -22.44
N GLY B 421 35.07 6.43 -22.53
CA GLY B 421 36.17 6.04 -23.40
C GLY B 421 35.83 5.82 -24.86
N ASP B 422 34.56 5.94 -25.25
CA ASP B 422 34.12 5.68 -26.62
C ASP B 422 33.53 6.98 -27.17
N ASP B 423 34.23 7.58 -28.13
CA ASP B 423 33.89 8.90 -28.66
C ASP B 423 32.51 8.95 -29.31
N ARG B 424 31.92 7.81 -29.67
CA ARG B 424 30.60 7.80 -30.29
C ARG B 424 29.48 8.12 -29.29
N PHE B 425 29.78 8.13 -27.99
CA PHE B 425 28.80 8.31 -26.93
C PHE B 425 29.15 9.51 -26.08
N GLU B 426 28.21 9.89 -25.22
CA GLU B 426 28.45 10.92 -24.22
C GLU B 426 27.68 10.56 -22.97
N VAL B 427 28.25 10.91 -21.83
CA VAL B 427 27.54 10.88 -20.55
C VAL B 427 26.92 12.26 -20.37
N VAL B 428 25.58 12.35 -20.40
CA VAL B 428 24.94 13.65 -20.54
C VAL B 428 24.88 14.45 -19.25
N VAL B 429 24.94 13.83 -18.08
CA VAL B 429 25.01 14.55 -16.81
C VAL B 429 25.99 13.84 -15.90
N PRO B 430 26.54 14.53 -14.90
CA PRO B 430 27.38 13.85 -13.90
C PRO B 430 26.58 12.75 -13.19
N ARG B 431 27.25 11.62 -12.96
CA ARG B 431 26.68 10.50 -12.22
C ARG B 431 26.86 10.73 -10.73
N ASN B 432 25.76 10.87 -9.99
CA ASN B 432 25.84 11.05 -8.54
C ASN B 432 25.77 9.73 -7.77
N PHE B 433 25.01 8.76 -8.27
CA PHE B 433 24.85 7.50 -7.56
C PHE B 433 25.10 6.33 -8.51
N ALA B 434 24.15 5.39 -8.62
CA ALA B 434 24.39 4.23 -9.47
C ALA B 434 23.61 4.27 -10.77
N LEU B 435 23.13 5.45 -11.19
CA LEU B 435 22.45 5.62 -12.47
C LEU B 435 23.34 6.44 -13.40
N VAL B 436 23.50 5.96 -14.63
CA VAL B 436 24.24 6.67 -15.66
C VAL B 436 23.27 6.99 -16.81
N CYS B 437 23.29 8.25 -17.26
CA CYS B 437 22.56 8.69 -18.44
C CYS B 437 23.54 8.91 -19.58
N PHE B 438 23.32 8.21 -20.70
CA PHE B 438 24.25 8.28 -21.82
C PHE B 438 23.46 8.23 -23.13
N ARG B 439 24.13 8.59 -24.22
CA ARG B 439 23.51 8.54 -25.53
C ARG B 439 24.58 8.51 -26.63
N ILE B 440 24.18 8.00 -27.78
CA ILE B 440 24.94 8.18 -29.01
C ILE B 440 24.93 9.66 -29.39
N ARG B 441 26.12 10.24 -29.61
CA ARG B 441 26.22 11.65 -29.95
C ARG B 441 25.75 11.92 -31.38
N ALA B 442 25.46 13.19 -31.65
CA ALA B 442 25.40 13.63 -33.03
C ALA B 442 26.81 13.73 -33.60
N GLY B 443 26.97 13.27 -34.83
CA GLY B 443 28.30 13.11 -35.40
C GLY B 443 28.97 11.79 -35.06
N ALA B 444 28.31 10.92 -34.29
CA ALA B 444 28.87 9.60 -34.05
C ALA B 444 29.05 8.83 -35.35
N GLY B 445 27.99 8.73 -36.13
CA GLY B 445 28.07 8.19 -37.48
C GLY B 445 27.27 9.05 -38.43
N ALA B 446 27.18 8.63 -39.69
CA ALA B 446 26.32 9.36 -40.62
C ALA B 446 24.84 9.15 -40.29
N ALA B 447 24.51 8.01 -39.68
CA ALA B 447 23.17 7.76 -39.17
C ALA B 447 22.87 8.50 -37.86
N ALA B 448 23.78 9.37 -37.41
CA ALA B 448 23.56 10.28 -36.28
C ALA B 448 24.25 11.61 -36.59
N ALA B 449 23.81 12.27 -37.69
CA ALA B 449 24.40 13.53 -38.14
C ALA B 449 23.79 14.73 -37.44
N THR B 450 22.47 14.89 -37.52
CA THR B 450 21.80 15.92 -36.74
C THR B 450 21.40 15.37 -35.36
N GLU B 451 21.08 16.29 -34.47
CA GLU B 451 20.61 15.90 -33.15
C GLU B 451 19.26 15.20 -33.22
N GLU B 452 18.45 15.49 -34.25
CA GLU B 452 17.24 14.71 -34.48
C GLU B 452 17.59 13.28 -34.91
N ASP B 453 18.64 13.13 -35.74
CA ASP B 453 19.12 11.81 -36.11
C ASP B 453 19.59 11.03 -34.89
N ALA B 454 20.31 11.69 -33.97
CA ALA B 454 20.82 11.00 -32.80
C ALA B 454 19.68 10.49 -31.93
N ASP B 455 18.65 11.33 -31.76
CA ASP B 455 17.46 10.91 -31.03
C ASP B 455 16.90 9.61 -31.60
N GLU B 456 16.81 9.52 -32.92
CA GLU B 456 16.26 8.31 -33.53
C GLU B 456 17.24 7.14 -33.41
N ALA B 457 18.55 7.40 -33.50
CA ALA B 457 19.51 6.30 -33.35
C ALA B 457 19.49 5.74 -31.93
N ASN B 458 19.38 6.61 -30.92
CA ASN B 458 19.33 6.13 -29.55
C ASN B 458 18.05 5.33 -29.29
N ARG B 459 16.93 5.77 -29.85
CA ARG B 459 15.69 4.99 -29.77
C ARG B 459 15.86 3.62 -30.43
N GLU B 460 16.49 3.59 -31.60
CA GLU B 460 16.73 2.32 -32.30
C GLU B 460 17.70 1.43 -31.50
N LEU B 461 18.73 2.02 -30.91
CA LEU B 461 19.64 1.23 -30.07
C LEU B 461 18.90 0.58 -28.91
N MET B 462 18.11 1.38 -28.17
CA MET B 462 17.37 0.85 -27.03
C MET B 462 16.44 -0.28 -27.44
N GLU B 463 15.75 -0.12 -28.57
CA GLU B 463 14.84 -1.17 -29.01
C GLU B 463 15.62 -2.42 -29.43
N ARG B 464 16.78 -2.27 -30.06
CA ARG B 464 17.57 -3.44 -30.42
C ARG B 464 18.12 -4.16 -29.19
N LEU B 465 18.63 -3.41 -28.22
CA LEU B 465 19.06 -4.03 -26.97
C LEU B 465 17.96 -4.87 -26.34
N ASN B 466 16.73 -4.32 -26.29
CA ASN B 466 15.65 -5.04 -25.63
C ASN B 466 15.21 -6.25 -26.44
N LYS B 467 15.36 -6.22 -27.78
CA LYS B 467 15.00 -7.40 -28.55
C LYS B 467 15.95 -8.56 -28.28
N THR B 468 17.20 -8.30 -27.90
CA THR B 468 18.12 -9.43 -27.67
C THR B 468 17.66 -10.29 -26.51
N GLY B 469 16.86 -9.75 -25.59
CA GLY B 469 16.58 -10.44 -24.35
C GLY B 469 17.71 -10.41 -23.34
N LYS B 470 18.85 -9.82 -23.67
CA LYS B 470 20.01 -9.77 -22.79
C LYS B 470 20.15 -8.40 -22.10
N ALA B 471 19.13 -7.56 -22.18
CA ALA B 471 19.12 -6.26 -21.52
C ALA B 471 17.69 -5.75 -21.49
N TYR B 472 17.39 -4.92 -20.50
CA TYR B 472 16.19 -4.09 -20.53
C TYR B 472 16.63 -2.67 -20.23
N VAL B 473 16.51 -1.82 -21.23
CA VAL B 473 16.89 -0.42 -21.16
C VAL B 473 15.66 0.39 -21.51
N ALA B 474 15.45 1.45 -20.75
CA ALA B 474 14.44 2.44 -21.03
C ALA B 474 15.10 3.82 -21.00
N HIS B 475 14.36 4.81 -21.44
CA HIS B 475 14.89 6.11 -21.84
C HIS B 475 14.31 7.23 -20.97
N THR B 476 14.87 8.41 -21.17
CA THR B 476 14.27 9.63 -20.68
C THR B 476 14.65 10.75 -21.65
N VAL B 477 14.26 11.97 -21.31
CA VAL B 477 14.59 13.16 -22.08
C VAL B 477 15.30 14.12 -21.11
N VAL B 478 16.47 14.59 -21.52
CA VAL B 478 17.27 15.52 -20.72
C VAL B 478 17.65 16.66 -21.65
N GLY B 479 17.25 17.88 -21.30
CA GLY B 479 17.58 19.03 -22.14
C GLY B 479 17.15 18.89 -23.58
N GLY B 480 15.94 18.38 -23.81
CA GLY B 480 15.42 18.23 -25.15
C GLY B 480 15.95 17.06 -25.93
N ARG B 481 16.78 16.20 -25.34
CA ARG B 481 17.43 15.12 -26.07
C ARG B 481 16.97 13.76 -25.56
N PHE B 482 16.83 12.82 -26.48
CA PHE B 482 16.51 11.43 -26.16
C PHE B 482 17.75 10.76 -25.55
N VAL B 483 17.61 10.22 -24.34
CA VAL B 483 18.72 9.76 -23.54
C VAL B 483 18.42 8.35 -23.03
N LEU B 484 19.45 7.50 -23.02
CA LEU B 484 19.31 6.16 -22.46
C LEU B 484 19.67 6.19 -20.98
N ARG B 485 18.81 5.63 -20.14
CA ARG B 485 19.16 5.44 -18.75
C ARG B 485 19.82 4.08 -18.58
N PHE B 486 20.72 3.99 -17.61
CA PHE B 486 21.35 2.71 -17.28
C PHE B 486 21.44 2.64 -15.76
N ALA B 487 20.50 1.91 -15.17
CA ALA B 487 20.31 1.88 -13.72
C ALA B 487 20.95 0.61 -13.20
N VAL B 488 22.10 0.76 -12.56
CA VAL B 488 22.88 -0.36 -12.05
C VAL B 488 22.33 -0.78 -10.70
N GLY B 489 22.26 -2.09 -10.45
CA GLY B 489 22.01 -2.51 -9.08
C GLY B 489 21.04 -3.67 -8.85
N SER B 490 20.43 -4.20 -9.91
CA SER B 490 19.62 -5.41 -9.74
C SER B 490 20.37 -6.40 -8.87
N SER B 491 19.67 -7.00 -7.91
CA SER B 491 20.36 -7.63 -6.80
C SER B 491 21.30 -8.75 -7.26
N LEU B 492 20.91 -9.52 -8.29
CA LEU B 492 21.73 -10.61 -8.82
C LEU B 492 22.85 -10.13 -9.75
N GLN B 493 22.90 -8.84 -10.04
CA GLN B 493 23.80 -8.35 -11.07
C GLN B 493 25.23 -8.15 -10.51
N GLU B 494 26.21 -8.67 -11.22
CA GLU B 494 27.61 -8.50 -10.86
C GLU B 494 28.32 -7.71 -11.96
N GLU B 495 29.61 -7.42 -11.71
CA GLU B 495 30.32 -6.48 -12.59
C GLU B 495 30.44 -7.02 -14.01
N HIS B 496 30.61 -8.33 -14.17
CA HIS B 496 30.73 -8.87 -15.52
C HIS B 496 29.43 -8.67 -16.30
N HIS B 497 28.29 -8.60 -15.60
CA HIS B 497 27.02 -8.32 -16.28
C HIS B 497 27.01 -6.92 -16.87
N VAL B 498 27.59 -5.96 -16.15
CA VAL B 498 27.62 -4.58 -16.63
C VAL B 498 28.60 -4.44 -17.78
N ARG B 499 29.79 -5.03 -17.64
CA ARG B 499 30.76 -5.02 -18.75
C ARG B 499 30.19 -5.69 -19.98
N SER B 500 29.48 -6.81 -19.81
CA SER B 500 28.87 -7.48 -20.96
C SER B 500 27.77 -6.64 -21.59
N ALA B 501 26.97 -5.94 -20.77
CA ALA B 501 25.99 -5.02 -21.34
C ALA B 501 26.67 -3.96 -22.19
N TRP B 502 27.82 -3.45 -21.74
CA TRP B 502 28.52 -2.42 -22.50
C TRP B 502 29.03 -2.96 -23.82
N GLU B 503 29.64 -4.16 -23.80
CA GLU B 503 30.01 -4.84 -25.05
C GLU B 503 28.82 -4.91 -26.01
N LEU B 504 27.64 -5.28 -25.49
CA LEU B 504 26.45 -5.40 -26.32
C LEU B 504 26.05 -4.06 -26.89
N ILE B 505 26.14 -2.99 -26.09
CA ILE B 505 25.85 -1.65 -26.58
C ILE B 505 26.83 -1.27 -27.69
N LYS B 506 28.11 -1.61 -27.52
CA LYS B 506 29.09 -1.31 -28.56
C LYS B 506 28.80 -2.11 -29.82
N LYS B 507 28.59 -3.42 -29.67
CA LYS B 507 28.28 -4.27 -30.80
C LYS B 507 27.05 -3.75 -31.54
N THR B 508 25.97 -3.49 -30.82
CA THR B 508 24.72 -3.05 -31.45
C THR B 508 24.89 -1.72 -32.15
N THR B 509 25.54 -0.75 -31.50
CA THR B 509 25.79 0.53 -32.15
C THR B 509 26.57 0.34 -33.45
N THR B 510 27.64 -0.48 -33.40
CA THR B 510 28.48 -0.71 -34.59
C THR B 510 27.65 -1.28 -35.74
N GLU B 511 26.83 -2.30 -35.48
CA GLU B 511 25.97 -2.85 -36.52
C GLU B 511 24.96 -1.84 -37.06
N MET B 512 24.54 -0.87 -36.23
CA MET B 512 23.61 0.16 -36.69
C MET B 512 24.31 1.14 -37.63
N MET B 513 25.45 1.67 -37.21
CA MET B 513 26.20 2.68 -37.94
C MET B 513 26.83 2.16 -39.26
N ASN B 514 26.53 0.97 -39.79
CA ASN B 514 26.92 0.64 -41.16
C ASN B 514 26.04 -0.46 -41.73
N1 PLP C . -14.84 -0.33 5.93
C2 PLP C . -15.47 -1.43 6.50
C2A PLP C . -16.95 -1.63 6.41
C3 PLP C . -14.70 -2.37 7.19
O3 PLP C . -15.33 -3.45 7.75
C4 PLP C . -13.31 -2.22 7.29
C4A PLP C . -12.48 -3.18 8.09
C5 PLP C . -12.68 -1.11 6.71
C6 PLP C . -13.46 -0.17 6.04
C5A PLP C . -11.18 -0.95 6.83
O4P PLP C . -10.67 -0.01 5.90
P PLP C . -9.08 0.01 5.49
O1P PLP C . -8.75 -1.20 4.62
O2P PLP C . -8.78 1.29 4.73
O3P PLP C . -8.23 -0.02 6.74
N1 TSS D . 9.25 5.63 -12.03
CA TSS D . 9.18 4.89 -10.78
CB TSS D . 10.10 3.67 -10.76
CG TSS D . 9.74 2.88 -9.49
CD1 TSS D . 8.54 3.26 -8.92
NE1 TSS D . 8.33 2.50 -7.81
CE2 TSS D . 9.42 1.63 -7.67
CD2 TSS D . 10.28 1.87 -8.73
CZ2 TSS D . 9.72 0.64 -6.72
CH2 TSS D . 10.90 -0.09 -6.83
CZ3 TSS D . 11.79 0.15 -7.89
CE3 TSS D . 11.48 1.12 -8.83
CA CA E . -13.74 -20.82 9.07
CA CA F . -3.16 6.17 -21.86
C ACT G . 8.70 12.42 -14.31
O ACT G . 7.98 11.83 -13.43
OXT ACT G . 8.34 13.29 -15.18
CH3 ACT G . 10.21 12.03 -14.28
C ACT H . 23.45 -12.16 -5.35
O ACT H . 23.85 -13.36 -5.55
OXT ACT H . 22.43 -11.79 -4.72
CH3 ACT H . 24.37 -11.00 -5.99
C1 PEG I . -12.51 -6.85 -14.22
O1 PEG I . -13.26 -5.82 -13.62
C2 PEG I . -11.01 -6.50 -14.23
O2 PEG I . -10.74 -5.41 -15.09
C3 PEG I . -9.84 -4.45 -14.59
C4 PEG I . -9.51 -3.35 -15.61
O4 PEG I . -8.44 -2.55 -15.13
N1 PLP J . 9.96 9.83 -6.65
C2 PLP J . 11.21 9.37 -7.00
C2A PLP J . 12.43 10.26 -6.89
C3 PLP J . 11.36 8.05 -7.43
O3 PLP J . 12.60 7.55 -7.76
C4 PLP J . 10.26 7.23 -7.51
C4A PLP J . 10.45 5.75 -7.67
C5 PLP J . 8.99 7.70 -7.19
C6 PLP J . 8.84 9.01 -6.76
C5A PLP J . 7.81 6.77 -7.33
O4P PLP J . 7.31 6.53 -6.05
P PLP J . 6.11 5.54 -5.70
O1P PLP J . 6.58 4.73 -4.52
O2P PLP J . 4.91 6.41 -5.37
O3P PLP J . 5.72 4.63 -6.84
CA CA K . 24.70 -5.17 -6.00
CA CA L . 15.45 2.40 29.02
C1 PEG M . 36.09 5.73 -3.45
O1 PEG M . 36.83 4.71 -4.08
C2 PEG M . 34.73 5.18 -3.02
O2 PEG M . 34.81 4.57 -1.75
C3 PEG M . 34.61 5.46 -0.69
C4 PEG M . 34.33 4.68 0.59
O4 PEG M . 35.05 3.47 0.57
#